data_6RX6
#
_entry.id   6RX6
#
_cell.length_a   74.760
_cell.length_b   90.640
_cell.length_c   82.960
_cell.angle_alpha   90.00
_cell.angle_beta   115.74
_cell.angle_gamma   90.00
#
_symmetry.space_group_name_H-M   'P 1 21 1'
#
loop_
_entity.id
_entity.type
_entity.pdbx_description
1 polymer 'Pteridine reductase'
2 non-polymer 'NADP NICOTINAMIDE-ADENINE-DINUCLEOTIDE PHOSPHATE'
3 non-polymer 'methyl 1-[4-[[2,4-bis(azanyl)pteridin-6-yl]methyl-(3-oxidanylpropyl)amino]phenyl]carbonylpiperidine-4-carboxylate'
4 non-polymer 'ACETATE ION'
5 water water
#
_entity_poly.entity_id   1
_entity_poly.type   'polypeptide(L)'
_entity_poly.pdbx_seq_one_letter_code
;MGSSHHHHHHSSGLVPRGSHMEAPAAVVTGAAKRIGRAIAVKLHQTGYRVVIHYHNSAEAAVSLADELNKERSNTAVVCQ
ADLTNSNVLPASCEEIINSCFRAFGRCDVLVNNASAFYPTPLVQGDHEDNSNGKTVETQVAELIGTNAIAPFLLTMSFAQ
RQKGTNPNCTSSNLSIVNLCDAMVDQPCMAFSLYNMGKHALVGLTQSAALELAPYGIRVNGVAPGVSLLPVAMGEEEKDK
WRRKVPLGRREASAEQIADAVIFLVSGSAQYITGSIIKVDGGLSLVHA
;
_entity_poly.pdbx_strand_id   A,B,C,D
#
loop_
_chem_comp.id
_chem_comp.type
_chem_comp.name
_chem_comp.formula
ACT non-polymer 'ACETATE ION' 'C2 H3 O2 -1'
KMK non-polymer 'methyl 1-[4-[[2,4-bis(azanyl)pteridin-6-yl]methyl-(3-oxidanylpropyl)amino]phenyl]carbonylpiperidine-4-carboxylate' 'C24 H30 N8 O4'
NAP non-polymer 'NADP NICOTINAMIDE-ADENINE-DINUCLEOTIDE PHOSPHATE' 'C21 H28 N7 O17 P3'
#
# COMPACT_ATOMS: atom_id res chain seq x y z
N GLU A 22 17.42 20.97 31.20
CA GLU A 22 17.74 21.71 29.93
C GLU A 22 16.62 21.46 28.90
N ALA A 23 16.19 22.51 28.21
CA ALA A 23 15.12 22.42 27.21
C ALA A 23 15.66 21.75 25.96
N PRO A 24 14.89 20.84 25.31
CA PRO A 24 15.33 20.25 24.06
C PRO A 24 15.27 21.30 22.94
N ALA A 25 15.85 20.97 21.81
CA ALA A 25 15.94 21.89 20.66
C ALA A 25 15.52 21.18 19.38
N ALA A 26 14.90 21.95 18.51
CA ALA A 26 14.39 21.43 17.23
C ALA A 26 14.79 22.34 16.08
N VAL A 27 15.05 21.72 14.94
CA VAL A 27 15.15 22.42 13.64
C VAL A 27 13.86 22.19 12.88
N VAL A 28 13.27 23.26 12.36
CA VAL A 28 12.11 23.15 11.44
C VAL A 28 12.50 23.85 10.15
N THR A 29 12.50 23.11 9.04
CA THR A 29 12.81 23.73 7.76
C THR A 29 11.59 24.42 7.18
N GLY A 30 11.84 25.51 6.46
CA GLY A 30 10.72 26.26 5.88
C GLY A 30 9.73 26.73 6.91
N ALA A 31 10.22 27.28 8.01
CA ALA A 31 9.40 27.56 9.20
C ALA A 31 8.90 28.99 9.30
N ALA A 32 9.11 29.83 8.30
CA ALA A 32 8.72 31.25 8.44
C ALA A 32 7.21 31.44 8.45
N LYS A 33 6.47 30.58 7.78
CA LYS A 33 5.05 30.79 7.46
CA LYS A 33 5.02 30.80 7.60
C LYS A 33 4.30 29.47 7.51
N ARG A 34 2.98 29.54 7.48
CA ARG A 34 2.14 28.40 7.07
C ARG A 34 2.43 27.21 7.99
N ILE A 35 2.50 26.01 7.43
CA ILE A 35 2.59 24.80 8.29
C ILE A 35 3.90 24.81 9.09
N GLY A 36 5.01 25.18 8.47
CA GLY A 36 6.28 25.19 9.20
C GLY A 36 6.24 26.11 10.40
N ARG A 37 5.66 27.29 10.26
CA ARG A 37 5.54 28.21 11.40
C ARG A 37 4.67 27.55 12.47
N ALA A 38 3.56 26.91 12.10
CA ALA A 38 2.67 26.29 13.11
C ALA A 38 3.43 25.20 13.86
N ILE A 39 4.26 24.44 13.16
CA ILE A 39 5.09 23.40 13.81
C ILE A 39 6.07 24.04 14.78
N ALA A 40 6.79 25.06 14.33
CA ALA A 40 7.76 25.75 15.21
C ALA A 40 7.04 26.31 16.45
N VAL A 41 5.89 26.95 16.25
CA VAL A 41 5.13 27.53 17.37
C VAL A 41 4.73 26.43 18.34
N LYS A 42 4.18 25.34 17.85
CA LYS A 42 3.69 24.30 18.77
C LYS A 42 4.86 23.62 19.47
N LEU A 43 5.97 23.41 18.78
CA LEU A 43 7.17 22.87 19.47
C LEU A 43 7.59 23.85 20.56
N HIS A 44 7.63 25.13 20.26
CA HIS A 44 8.04 26.13 21.25
C HIS A 44 7.08 26.10 22.44
N GLN A 45 5.79 26.01 22.20
CA GLN A 45 4.79 25.96 23.28
C GLN A 45 4.97 24.71 24.14
N THR A 46 5.47 23.63 23.54
CA THR A 46 5.74 22.34 24.21
C THR A 46 7.05 22.43 25.02
N GLY A 47 7.85 23.47 24.86
CA GLY A 47 9.07 23.68 25.63
C GLY A 47 10.35 23.57 24.83
N TYR A 48 10.28 23.38 23.52
CA TYR A 48 11.49 23.32 22.68
C TYR A 48 12.03 24.72 22.42
N ARG A 49 13.34 24.79 22.30
CA ARG A 49 14.05 25.89 21.60
C ARG A 49 14.06 25.53 20.13
N VAL A 50 13.94 26.53 19.26
CA VAL A 50 13.72 26.24 17.82
CA VAL A 50 13.70 26.24 17.81
C VAL A 50 14.67 27.04 16.92
N VAL A 51 15.16 26.35 15.90
CA VAL A 51 15.79 26.96 14.72
C VAL A 51 14.74 27.07 13.63
N ILE A 52 14.45 28.31 13.26
CA ILE A 52 13.49 28.65 12.19
C ILE A 52 14.32 28.77 10.91
N HIS A 53 14.36 27.71 10.12
CA HIS A 53 15.04 27.80 8.82
C HIS A 53 14.11 28.50 7.83
N TYR A 54 14.71 29.26 6.94
CA TYR A 54 13.96 29.92 5.85
C TYR A 54 14.88 30.07 4.66
N HIS A 55 14.27 30.36 3.51
CA HIS A 55 15.01 30.60 2.27
C HIS A 55 14.84 32.08 1.89
N ASN A 56 13.68 32.46 1.39
CA ASN A 56 13.43 33.85 0.95
C ASN A 56 12.64 34.66 1.98
N SER A 57 11.94 34.03 2.93
CA SER A 57 10.97 34.77 3.78
C SER A 57 11.65 35.31 5.04
N ALA A 58 12.64 36.18 4.87
CA ALA A 58 13.45 36.68 6.00
C ALA A 58 12.58 37.47 6.97
N GLU A 59 11.75 38.38 6.47
CA GLU A 59 10.93 39.24 7.37
C GLU A 59 10.02 38.36 8.22
N ALA A 60 9.38 37.38 7.61
CA ALA A 60 8.44 36.50 8.33
C ALA A 60 9.22 35.66 9.35
N ALA A 61 10.41 35.16 8.99
CA ALA A 61 11.19 34.32 9.90
C ALA A 61 11.61 35.13 11.12
N VAL A 62 12.08 36.35 10.89
CA VAL A 62 12.56 37.21 11.99
C VAL A 62 11.37 37.62 12.86
N SER A 63 10.22 37.91 12.26
CA SER A 63 9.02 38.29 13.04
C SER A 63 8.65 37.11 13.98
N LEU A 64 8.68 35.89 13.45
CA LEU A 64 8.35 34.72 14.27
C LEU A 64 9.38 34.56 15.40
N ALA A 65 10.67 34.64 15.09
CA ALA A 65 11.70 34.46 16.12
C ALA A 65 11.51 35.51 17.21
N ASP A 66 11.23 36.74 16.80
CA ASP A 66 11.01 37.83 17.78
C ASP A 66 9.84 37.48 18.70
N GLU A 67 8.75 36.97 18.15
CA GLU A 67 7.56 36.63 18.97
C GLU A 67 7.93 35.52 19.96
N LEU A 68 8.63 34.50 19.50
CA LEU A 68 8.97 33.35 20.40
C LEU A 68 9.95 33.79 21.48
N ASN A 69 10.93 34.63 21.14
CA ASN A 69 11.92 35.11 22.14
C ASN A 69 11.26 36.08 23.13
N LYS A 70 10.21 36.79 22.72
CA LYS A 70 9.44 37.64 23.65
C LYS A 70 8.77 36.74 24.70
N GLU A 71 8.29 35.57 24.30
CA GLU A 71 7.65 34.62 25.23
C GLU A 71 8.70 34.03 26.18
N ARG A 72 9.84 33.60 25.66
CA ARG A 72 10.95 33.04 26.48
C ARG A 72 12.27 33.47 25.85
N SER A 73 13.09 34.28 26.54
CA SER A 73 14.33 34.83 25.95
CA SER A 73 14.33 34.83 25.95
CA SER A 73 14.34 34.83 25.96
C SER A 73 15.25 33.70 25.48
N ASN A 74 15.91 33.91 24.33
CA ASN A 74 16.98 33.00 23.83
C ASN A 74 16.45 31.60 23.58
N THR A 75 15.26 31.51 23.01
CA THR A 75 14.67 30.18 22.66
C THR A 75 14.39 30.04 21.17
N ALA A 76 14.72 31.02 20.35
CA ALA A 76 14.49 30.93 18.89
C ALA A 76 15.61 31.64 18.15
N VAL A 77 16.07 31.04 17.07
CA VAL A 77 17.02 31.69 16.14
C VAL A 77 16.53 31.40 14.73
N VAL A 78 16.96 32.19 13.78
CA VAL A 78 16.70 31.93 12.35
C VAL A 78 17.96 31.37 11.70
N CYS A 79 17.79 30.66 10.60
CA CYS A 79 18.91 30.11 9.82
C CYS A 79 18.50 30.12 8.36
N GLN A 80 19.23 30.84 7.52
CA GLN A 80 18.87 30.96 6.10
C GLN A 80 19.62 29.90 5.30
N ALA A 81 18.91 29.24 4.39
CA ALA A 81 19.59 28.34 3.42
C ALA A 81 18.67 28.01 2.26
N ASP A 82 19.26 27.96 1.09
CA ASP A 82 18.66 27.34 -0.10
C ASP A 82 18.83 25.83 -0.01
N LEU A 83 17.73 25.10 -0.17
CA LEU A 83 17.75 23.62 -0.10
C LEU A 83 17.58 22.98 -1.48
N THR A 84 17.74 23.78 -2.54
CA THR A 84 17.88 23.26 -3.90
C THR A 84 19.10 22.32 -3.95
N ASN A 85 19.02 21.25 -4.70
CA ASN A 85 20.19 20.37 -4.82
C ASN A 85 21.30 21.08 -5.58
N SER A 86 22.51 20.87 -5.12
CA SER A 86 23.76 21.36 -5.76
C SER A 86 24.92 20.68 -5.04
N ASN A 87 26.12 20.92 -5.52
CA ASN A 87 27.29 20.32 -4.85
C ASN A 87 27.56 20.95 -3.49
N VAL A 88 26.97 22.09 -3.15
N VAL A 88 26.95 22.06 -3.13
CA VAL A 88 27.13 22.67 -1.79
CA VAL A 88 27.14 22.65 -1.77
C VAL A 88 25.98 22.27 -0.86
C VAL A 88 25.95 22.30 -0.87
N LEU A 89 24.93 21.59 -1.36
CA LEU A 89 23.80 21.28 -0.46
C LEU A 89 24.25 20.49 0.76
N PRO A 90 25.17 19.50 0.67
CA PRO A 90 25.58 18.81 1.89
C PRO A 90 26.13 19.78 2.95
N ALA A 91 26.96 20.73 2.54
CA ALA A 91 27.51 21.71 3.47
C ALA A 91 26.41 22.58 4.05
N SER A 92 25.44 22.99 3.25
CA SER A 92 24.31 23.80 3.74
C SER A 92 23.53 23.03 4.80
N CYS A 93 23.28 21.76 4.56
CA CYS A 93 22.49 20.96 5.50
C CYS A 93 23.27 20.71 6.78
N GLU A 94 24.58 20.47 6.68
CA GLU A 94 25.43 20.33 7.86
C GLU A 94 25.37 21.63 8.67
N GLU A 95 25.39 22.75 7.99
CA GLU A 95 25.38 24.05 8.68
C GLU A 95 24.04 24.31 9.38
N ILE A 96 22.91 23.85 8.81
CA ILE A 96 21.62 24.03 9.52
C ILE A 96 21.67 23.27 10.84
N ILE A 97 22.13 22.02 10.82
CA ILE A 97 22.21 21.24 12.08
C ILE A 97 23.22 21.92 13.01
N ASN A 98 24.36 22.36 12.49
CA ASN A 98 25.38 23.02 13.32
C ASN A 98 24.79 24.27 13.95
N SER A 99 23.91 24.98 13.28
CA SER A 99 23.30 26.23 13.82
CA SER A 99 23.29 26.23 13.82
C SER A 99 22.47 25.90 15.07
N CYS A 100 21.84 24.73 15.12
CA CYS A 100 21.06 24.33 16.31
C CYS A 100 22.02 24.08 17.47
N PHE A 101 23.10 23.34 17.23
CA PHE A 101 24.12 23.12 18.27
C PHE A 101 24.76 24.43 18.71
N ARG A 102 25.02 25.34 17.79
CA ARG A 102 25.67 26.63 18.14
C ARG A 102 24.76 27.43 19.08
N ALA A 103 23.47 27.48 18.77
CA ALA A 103 22.51 28.29 19.56
C ALA A 103 22.20 27.61 20.89
N PHE A 104 21.98 26.30 20.87
CA PHE A 104 21.28 25.63 21.99
C PHE A 104 22.07 24.46 22.58
N GLY A 105 23.17 24.05 21.96
CA GLY A 105 24.06 23.00 22.50
C GLY A 105 23.59 21.58 22.28
N ARG A 106 22.51 21.40 21.55
CA ARG A 106 21.89 20.08 21.32
C ARG A 106 20.96 20.22 20.13
N CYS A 107 20.53 19.09 19.58
CA CYS A 107 19.54 19.05 18.50
C CYS A 107 18.78 17.74 18.63
N ASP A 108 17.57 17.83 19.17
CA ASP A 108 16.77 16.65 19.52
C ASP A 108 15.80 16.24 18.41
N VAL A 109 15.32 17.22 17.66
CA VAL A 109 14.24 17.01 16.68
C VAL A 109 14.60 17.73 15.39
N LEU A 110 14.36 17.05 14.28
CA LEU A 110 14.45 17.64 12.94
C LEU A 110 13.11 17.46 12.26
N VAL A 111 12.54 18.54 11.76
CA VAL A 111 11.30 18.51 10.98
C VAL A 111 11.61 18.97 9.57
N ASN A 112 11.48 18.06 8.62
CA ASN A 112 11.70 18.35 7.19
C ASN A 112 10.38 18.79 6.57
N ASN A 113 10.15 20.09 6.55
CA ASN A 113 8.90 20.72 6.09
C ASN A 113 9.08 21.48 4.79
N ALA A 114 10.22 22.13 4.57
CA ALA A 114 10.43 22.98 3.39
C ALA A 114 10.18 22.17 2.11
N SER A 115 9.58 22.81 1.13
CA SER A 115 9.16 22.07 -0.07
C SER A 115 8.84 23.01 -1.20
N ALA A 116 9.46 22.78 -2.34
CA ALA A 116 9.05 23.40 -3.62
C ALA A 116 7.90 22.55 -4.19
N PHE A 117 6.98 23.23 -4.86
CA PHE A 117 5.75 22.59 -5.36
C PHE A 117 5.22 23.40 -6.53
N TYR A 118 5.28 22.82 -7.71
CA TYR A 118 4.77 23.45 -8.94
C TYR A 118 4.74 22.37 -10.01
N PRO A 119 3.94 22.57 -11.07
CA PRO A 119 3.81 21.55 -12.09
C PRO A 119 5.04 21.47 -13.00
N THR A 120 5.26 20.28 -13.52
CA THR A 120 6.33 19.95 -14.48
C THR A 120 5.74 19.03 -15.53
N PRO A 121 4.97 19.55 -16.49
CA PRO A 121 4.31 18.70 -17.46
C PRO A 121 5.29 17.85 -18.26
N LEU A 122 4.87 16.62 -18.58
CA LEU A 122 5.70 15.71 -19.38
C LEU A 122 5.67 16.10 -20.86
N VAL A 123 4.59 16.71 -21.34
CA VAL A 123 4.47 17.13 -22.77
C VAL A 123 4.28 18.65 -22.83
N LYS A 134 12.21 28.19 -16.04
CA LYS A 134 13.29 27.36 -15.43
C LYS A 134 13.66 26.21 -16.37
N THR A 135 14.92 25.84 -16.39
CA THR A 135 15.36 24.64 -17.12
C THR A 135 14.81 23.41 -16.39
N VAL A 136 14.68 22.30 -17.10
N VAL A 136 14.69 22.30 -17.11
CA VAL A 136 14.18 21.07 -16.44
CA VAL A 136 14.22 21.04 -16.49
C VAL A 136 15.19 20.65 -15.36
C VAL A 136 15.20 20.66 -15.37
N GLU A 137 16.50 20.85 -15.56
CA GLU A 137 17.46 20.47 -14.52
C GLU A 137 17.32 21.34 -13.27
N THR A 138 16.97 22.62 -13.43
CA THR A 138 16.65 23.47 -12.26
C THR A 138 15.41 22.93 -11.55
N GLN A 139 14.39 22.52 -12.30
CA GLN A 139 13.17 21.96 -11.69
C GLN A 139 13.51 20.69 -10.92
N VAL A 140 14.35 19.83 -11.49
CA VAL A 140 14.81 18.63 -10.77
C VAL A 140 15.49 19.05 -9.46
N ALA A 141 16.43 19.98 -9.57
CA ALA A 141 17.22 20.36 -8.40
C ALA A 141 16.31 20.92 -7.31
N GLU A 142 15.32 21.73 -7.69
CA GLU A 142 14.46 22.35 -6.68
C GLU A 142 13.47 21.34 -6.10
N LEU A 143 12.77 20.63 -6.97
CA LEU A 143 11.68 19.74 -6.52
C LEU A 143 12.24 18.52 -5.82
N ILE A 144 13.23 17.88 -6.41
CA ILE A 144 13.83 16.69 -5.77
C ILE A 144 14.75 17.13 -4.64
N GLY A 145 15.46 18.24 -4.77
CA GLY A 145 16.31 18.73 -3.67
C GLY A 145 15.51 19.03 -2.42
N THR A 146 14.50 19.89 -2.52
CA THR A 146 13.80 20.31 -1.30
C THR A 146 13.04 19.13 -0.68
N ASN A 147 12.38 18.33 -1.50
CA ASN A 147 11.45 17.31 -0.98
C ASN A 147 12.18 16.04 -0.59
N ALA A 148 13.39 15.81 -1.07
CA ALA A 148 14.02 14.50 -0.87
C ALA A 148 15.50 14.61 -0.51
N ILE A 149 16.31 15.29 -1.34
CA ILE A 149 17.77 15.23 -1.11
C ILE A 149 18.14 16.02 0.15
N ALA A 150 17.58 17.22 0.33
CA ALA A 150 17.86 17.98 1.55
C ALA A 150 17.41 17.22 2.79
N PRO A 151 16.20 16.63 2.82
CA PRO A 151 15.86 15.78 3.97
C PRO A 151 16.88 14.69 4.23
N PHE A 152 17.37 14.05 3.18
CA PHE A 152 18.37 12.98 3.32
C PHE A 152 19.65 13.52 3.94
N LEU A 153 20.16 14.65 3.42
CA LEU A 153 21.42 15.23 3.93
C LEU A 153 21.25 15.77 5.34
N LEU A 154 20.12 16.39 5.63
CA LEU A 154 19.83 16.85 7.00
C LEU A 154 19.75 15.66 7.95
N THR A 155 19.17 14.55 7.50
CA THR A 155 19.09 13.33 8.32
C THR A 155 20.50 12.82 8.60
N MET A 156 21.34 12.78 7.57
CA MET A 156 22.75 12.36 7.75
CA MET A 156 22.75 12.37 7.75
C MET A 156 23.43 13.26 8.79
N SER A 157 23.31 14.57 8.62
CA SER A 157 24.00 15.51 9.52
C SER A 157 23.44 15.42 10.94
N PHE A 158 22.13 15.28 11.07
CA PHE A 158 21.47 15.15 12.39
C PHE A 158 22.05 13.93 13.11
N ALA A 159 22.10 12.79 12.42
CA ALA A 159 22.57 11.54 13.03
C ALA A 159 24.06 11.65 13.37
N GLN A 160 24.85 12.21 12.46
CA GLN A 160 26.31 12.27 12.64
C GLN A 160 26.65 13.14 13.84
N ARG A 161 25.90 14.22 14.08
CA ARG A 161 26.22 15.20 15.15
C ARG A 161 25.83 14.65 16.51
N GLN A 162 25.01 13.61 16.59
CA GLN A 162 24.66 13.02 17.92
C GLN A 162 25.85 12.21 18.48
N SER A 172 16.56 10.70 26.80
CA SER A 172 16.80 10.97 25.34
C SER A 172 15.53 10.70 24.54
N ASN A 173 15.11 11.62 23.66
CA ASN A 173 13.96 11.40 22.77
C ASN A 173 14.25 12.07 21.43
N LEU A 174 15.13 11.45 20.66
CA LEU A 174 15.56 12.02 19.36
C LEU A 174 14.61 11.54 18.27
N SER A 175 14.18 12.45 17.40
CA SER A 175 13.37 11.98 16.27
C SER A 175 13.39 13.00 15.14
N ILE A 176 13.00 12.46 14.00
CA ILE A 176 12.86 13.22 12.74
C ILE A 176 11.42 13.04 12.27
N VAL A 177 10.82 14.11 11.81
CA VAL A 177 9.49 14.07 11.19
C VAL A 177 9.57 14.67 9.81
N ASN A 178 9.16 13.90 8.82
CA ASN A 178 9.13 14.34 7.42
C ASN A 178 7.71 14.70 7.01
N LEU A 179 7.52 15.85 6.38
CA LEU A 179 6.22 16.28 5.86
C LEU A 179 6.05 15.68 4.48
N CYS A 180 5.16 14.70 4.42
CA CYS A 180 4.87 13.87 3.26
C CYS A 180 3.62 14.40 2.55
N ASP A 181 2.87 13.56 1.90
CA ASP A 181 1.70 13.96 1.12
C ASP A 181 0.74 12.78 1.08
N ALA A 182 -0.46 12.94 1.63
CA ALA A 182 -1.44 11.84 1.67
C ALA A 182 -1.86 11.40 0.29
N MET A 183 -1.69 12.26 -0.72
CA MET A 183 -2.12 11.96 -2.10
C MET A 183 -0.95 11.41 -2.93
N VAL A 184 0.08 10.90 -2.27
CA VAL A 184 1.30 10.49 -3.03
C VAL A 184 0.99 9.38 -4.04
N ASP A 185 -0.02 8.55 -3.80
CA ASP A 185 -0.39 7.46 -4.75
C ASP A 185 -1.64 7.81 -5.58
N GLN A 186 -2.15 9.04 -5.51
CA GLN A 186 -3.22 9.55 -6.38
C GLN A 186 -2.79 10.93 -6.81
N PRO A 187 -1.76 11.01 -7.66
CA PRO A 187 -1.07 12.28 -7.84
C PRO A 187 -1.83 13.34 -8.65
N CYS A 188 -1.45 14.60 -8.40
CA CYS A 188 -1.97 15.76 -9.15
C CYS A 188 -1.47 15.64 -10.60
N MET A 189 -2.33 15.94 -11.56
CA MET A 189 -1.99 15.95 -12.99
CA MET A 189 -1.97 15.92 -13.00
C MET A 189 -0.82 16.90 -13.23
N ALA A 190 0.23 16.44 -13.92
CA ALA A 190 1.36 17.28 -14.39
C ALA A 190 2.30 17.66 -13.24
N PHE A 191 2.27 16.95 -12.12
CA PHE A 191 3.18 17.18 -10.98
C PHE A 191 4.16 16.02 -10.82
N SER A 192 4.70 15.51 -11.91
CA SER A 192 5.54 14.27 -11.79
CA SER A 192 5.58 14.30 -11.85
C SER A 192 6.77 14.50 -10.90
N LEU A 193 7.54 15.56 -11.10
CA LEU A 193 8.78 15.72 -10.30
C LEU A 193 8.46 15.92 -8.83
N TYR A 194 7.45 16.74 -8.53
CA TYR A 194 7.02 16.89 -7.12
C TYR A 194 6.63 15.53 -6.55
N ASN A 195 5.82 14.78 -7.27
CA ASN A 195 5.36 13.46 -6.79
C ASN A 195 6.54 12.52 -6.61
N MET A 196 7.48 12.53 -7.52
CA MET A 196 8.69 11.71 -7.40
C MET A 196 9.43 12.10 -6.12
N GLY A 197 9.56 13.39 -5.86
CA GLY A 197 10.23 13.85 -4.64
C GLY A 197 9.53 13.38 -3.38
N LYS A 198 8.21 13.48 -3.34
CA LYS A 198 7.47 13.02 -2.15
C LYS A 198 7.52 11.50 -2.01
N HIS A 199 7.51 10.77 -3.11
CA HIS A 199 7.70 9.30 -3.02
CA HIS A 199 7.71 9.31 -3.04
C HIS A 199 9.09 9.00 -2.46
N ALA A 200 10.12 9.69 -2.96
CA ALA A 200 11.47 9.50 -2.42
C ALA A 200 11.49 9.78 -0.92
N LEU A 201 10.75 10.78 -0.48
CA LEU A 201 10.70 11.11 0.96
C LEU A 201 10.06 9.97 1.77
N VAL A 202 9.07 9.28 1.23
CA VAL A 202 8.55 8.06 1.91
C VAL A 202 9.67 7.04 2.05
N GLY A 203 10.41 6.82 0.96
CA GLY A 203 11.52 5.87 1.01
C GLY A 203 12.55 6.28 2.03
N LEU A 204 12.91 7.56 2.10
CA LEU A 204 13.87 8.01 3.11
C LEU A 204 13.31 7.76 4.50
N THR A 205 12.04 8.08 4.73
CA THR A 205 11.46 7.91 6.06
C THR A 205 11.64 6.47 6.51
N GLN A 206 11.32 5.54 5.64
CA GLN A 206 11.38 4.12 5.97
C GLN A 206 12.84 3.64 6.10
N SER A 207 13.68 4.00 5.13
CA SER A 207 15.10 3.60 5.16
C SER A 207 15.80 4.14 6.41
N ALA A 208 15.58 5.41 6.70
CA ALA A 208 16.23 6.05 7.86
C ALA A 208 15.67 5.50 9.16
N ALA A 209 14.38 5.20 9.21
CA ALA A 209 13.83 4.56 10.43
C ALA A 209 14.59 3.28 10.73
N LEU A 210 14.81 2.46 9.72
N LEU A 210 14.79 2.46 9.71
CA LEU A 210 15.50 1.16 9.91
CA LEU A 210 15.49 1.16 9.86
C LEU A 210 16.94 1.40 10.33
C LEU A 210 16.93 1.40 10.32
N GLU A 211 17.65 2.28 9.63
CA GLU A 211 19.09 2.43 9.83
C GLU A 211 19.40 3.17 11.12
N LEU A 212 18.53 4.09 11.54
CA LEU A 212 18.83 4.92 12.71
C LEU A 212 18.20 4.36 14.00
N ALA A 213 17.35 3.34 13.90
CA ALA A 213 16.77 2.70 15.09
C ALA A 213 17.85 2.31 16.09
N PRO A 214 19.01 1.72 15.71
CA PRO A 214 20.01 1.34 16.71
C PRO A 214 20.53 2.52 17.53
N TYR A 215 20.45 3.73 16.99
CA TYR A 215 20.93 4.98 17.62
C TYR A 215 19.82 5.63 18.44
N GLY A 216 18.63 5.02 18.47
CA GLY A 216 17.51 5.58 19.23
C GLY A 216 16.92 6.80 18.56
N ILE A 217 17.12 6.93 17.25
CA ILE A 217 16.51 8.06 16.50
C ILE A 217 15.31 7.49 15.77
N ARG A 218 14.13 7.97 16.10
CA ARG A 218 12.89 7.57 15.40
C ARG A 218 12.72 8.46 14.18
N VAL A 219 12.12 7.93 13.13
CA VAL A 219 11.93 8.68 11.87
C VAL A 219 10.53 8.39 11.40
N ASN A 220 9.69 9.41 11.33
CA ASN A 220 8.27 9.26 10.98
C ASN A 220 7.85 10.34 10.02
N GLY A 221 6.63 10.24 9.52
CA GLY A 221 6.07 11.22 8.61
C GLY A 221 4.70 11.69 9.04
N VAL A 222 4.36 12.88 8.59
CA VAL A 222 2.98 13.42 8.64
C VAL A 222 2.59 13.74 7.22
N ALA A 223 1.46 13.25 6.78
CA ALA A 223 1.03 13.38 5.38
C ALA A 223 -0.26 14.17 5.30
N PRO A 224 -0.18 15.49 5.08
CA PRO A 224 -1.38 16.28 4.86
C PRO A 224 -2.07 15.86 3.55
N GLY A 225 -3.38 16.08 3.51
CA GLY A 225 -4.16 16.00 2.27
C GLY A 225 -4.28 17.37 1.64
N VAL A 226 -5.39 18.03 1.94
CA VAL A 226 -5.56 19.46 1.67
C VAL A 226 -5.41 20.19 3.00
N SER A 227 -4.36 20.97 3.11
CA SER A 227 -4.18 21.91 4.23
C SER A 227 -4.17 23.30 3.62
N LEU A 228 -3.33 24.19 4.11
CA LEU A 228 -3.42 25.60 3.71
C LEU A 228 -3.28 25.71 2.19
N LEU A 229 -4.26 26.38 1.57
CA LEU A 229 -4.22 26.59 0.12
C LEU A 229 -3.27 27.76 -0.14
N PRO A 230 -2.78 27.93 -1.38
CA PRO A 230 -1.85 29.02 -1.67
C PRO A 230 -2.52 30.39 -1.48
N VAL A 231 -1.75 31.35 -0.99
N VAL A 231 -1.74 31.35 -0.99
CA VAL A 231 -2.24 32.74 -0.79
CA VAL A 231 -2.19 32.76 -0.81
C VAL A 231 -2.83 33.24 -2.11
C VAL A 231 -2.83 33.24 -2.11
N ALA A 232 -2.20 32.92 -3.25
CA ALA A 232 -2.57 33.47 -4.57
C ALA A 232 -3.76 32.71 -5.17
N MET A 233 -4.19 31.60 -4.61
CA MET A 233 -5.28 30.80 -5.23
C MET A 233 -6.60 31.53 -5.02
N GLY A 234 -7.39 31.64 -6.07
CA GLY A 234 -8.72 32.25 -5.97
C GLY A 234 -9.64 31.43 -5.08
N GLU A 235 -10.59 32.11 -4.46
CA GLU A 235 -11.50 31.46 -3.49
C GLU A 235 -12.28 30.34 -4.15
N GLU A 236 -12.74 30.52 -5.38
CA GLU A 236 -13.55 29.46 -6.05
C GLU A 236 -12.70 28.20 -6.20
N GLU A 237 -11.44 28.36 -6.54
CA GLU A 237 -10.51 27.21 -6.68
C GLU A 237 -10.25 26.58 -5.31
N LYS A 238 -10.07 27.41 -4.27
CA LYS A 238 -9.90 26.85 -2.92
C LYS A 238 -11.13 26.02 -2.55
N ASP A 239 -12.32 26.50 -2.86
CA ASP A 239 -13.55 25.77 -2.52
C ASP A 239 -13.65 24.45 -3.27
N LYS A 240 -13.14 24.38 -4.50
CA LYS A 240 -13.10 23.09 -5.25
CA LYS A 240 -13.11 23.08 -5.24
C LYS A 240 -12.30 22.06 -4.43
N TRP A 241 -11.18 22.47 -3.86
CA TRP A 241 -10.33 21.57 -3.04
C TRP A 241 -11.06 21.22 -1.74
N ARG A 242 -11.63 22.21 -1.07
CA ARG A 242 -12.31 21.98 0.22
C ARG A 242 -13.47 20.98 0.08
N ARG A 243 -14.22 21.07 -1.01
CA ARG A 243 -15.42 20.22 -1.22
CA ARG A 243 -15.42 20.22 -1.22
C ARG A 243 -15.02 18.76 -1.39
N LYS A 244 -13.75 18.46 -1.65
CA LYS A 244 -13.27 17.07 -1.84
C LYS A 244 -13.19 16.35 -0.47
N VAL A 245 -13.14 17.06 0.65
CA VAL A 245 -12.72 16.46 1.94
C VAL A 245 -13.92 15.89 2.67
N PRO A 246 -13.99 14.57 2.91
CA PRO A 246 -15.13 14.01 3.61
C PRO A 246 -15.41 14.61 4.99
N LEU A 247 -14.36 14.78 5.79
CA LEU A 247 -14.53 15.21 7.18
C LEU A 247 -14.54 16.74 7.21
N GLY A 248 -15.72 17.31 7.07
CA GLY A 248 -15.94 18.74 7.26
C GLY A 248 -15.86 19.56 5.99
N ARG A 249 -15.50 19.00 4.84
CA ARG A 249 -15.47 19.76 3.57
C ARG A 249 -14.65 21.04 3.76
N ARG A 250 -13.51 20.89 4.41
CA ARG A 250 -12.59 22.02 4.66
CA ARG A 250 -12.60 22.02 4.69
C ARG A 250 -11.18 21.48 4.76
N GLU A 251 -10.24 22.36 4.54
CA GLU A 251 -8.81 22.04 4.63
C GLU A 251 -8.39 21.91 6.09
N ALA A 252 -7.32 21.15 6.31
CA ALA A 252 -6.70 21.08 7.64
C ALA A 252 -6.11 22.44 7.98
N SER A 253 -6.31 22.88 9.21
CA SER A 253 -5.57 24.05 9.70
C SER A 253 -4.10 23.70 9.85
N ALA A 254 -3.26 24.72 9.89
CA ALA A 254 -1.84 24.49 10.13
C ALA A 254 -1.66 23.82 11.49
N GLU A 255 -2.44 24.22 12.47
CA GLU A 255 -2.33 23.65 13.81
C GLU A 255 -2.67 22.16 13.81
N GLN A 256 -3.65 21.74 13.01
CA GLN A 256 -4.02 20.31 12.96
C GLN A 256 -2.83 19.49 12.42
N ILE A 257 -2.13 20.01 11.42
CA ILE A 257 -0.92 19.31 10.93
C ILE A 257 0.13 19.27 12.04
N ALA A 258 0.37 20.41 12.68
CA ALA A 258 1.38 20.50 13.75
C ALA A 258 1.05 19.53 14.88
N ASP A 259 -0.23 19.35 15.19
CA ASP A 259 -0.62 18.42 16.29
C ASP A 259 -0.05 17.02 16.04
N ALA A 260 -0.07 16.56 14.80
CA ALA A 260 0.44 15.21 14.49
C ALA A 260 1.96 15.17 14.65
N VAL A 261 2.64 16.25 14.25
CA VAL A 261 4.10 16.33 14.46
C VAL A 261 4.41 16.26 15.95
N ILE A 262 3.68 17.04 16.75
CA ILE A 262 3.93 17.07 18.21
C ILE A 262 3.71 15.67 18.81
N PHE A 263 2.68 14.96 18.37
CA PHE A 263 2.49 13.59 18.85
C PHE A 263 3.71 12.74 18.53
N LEU A 264 4.18 12.78 17.30
CA LEU A 264 5.28 11.89 16.87
C LEU A 264 6.58 12.20 17.58
N VAL A 265 6.81 13.44 17.98
CA VAL A 265 8.08 13.76 18.69
C VAL A 265 7.93 13.47 20.19
N SER A 266 6.72 13.28 20.68
CA SER A 266 6.45 13.12 22.12
C SER A 266 6.82 11.74 22.64
N GLY A 267 6.82 11.64 23.97
CA GLY A 267 6.97 10.34 24.64
C GLY A 267 5.81 9.37 24.37
N SER A 268 4.68 9.87 23.93
CA SER A 268 3.51 9.04 23.59
C SER A 268 3.71 8.28 22.28
N ALA A 269 4.83 8.53 21.59
CA ALA A 269 5.16 7.88 20.32
C ALA A 269 6.51 7.16 20.41
N GLN A 270 6.98 6.84 21.59
CA GLN A 270 8.35 6.32 21.74
C GLN A 270 8.59 4.95 21.08
N TYR A 271 7.57 4.19 20.73
CA TYR A 271 7.75 2.92 20.00
C TYR A 271 7.44 3.08 18.52
N ILE A 272 7.08 4.28 18.08
CA ILE A 272 6.66 4.53 16.69
C ILE A 272 7.87 4.99 15.88
N THR A 273 8.21 4.20 14.87
CA THR A 273 9.23 4.62 13.89
C THR A 273 8.88 4.00 12.55
N GLY A 274 9.15 4.75 11.50
CA GLY A 274 8.80 4.36 10.15
C GLY A 274 7.34 4.51 9.80
N SER A 275 6.56 5.20 10.63
CA SER A 275 5.12 5.39 10.41
C SER A 275 4.85 6.73 9.77
N ILE A 276 3.92 6.77 8.84
CA ILE A 276 3.48 8.01 8.19
C ILE A 276 2.00 8.18 8.53
N ILE A 277 1.68 9.21 9.30
CA ILE A 277 0.30 9.48 9.73
C ILE A 277 -0.35 10.40 8.72
N LYS A 278 -1.39 9.93 8.07
CA LYS A 278 -2.21 10.82 7.23
C LYS A 278 -3.03 11.74 8.12
N VAL A 279 -3.04 13.00 7.76
CA VAL A 279 -3.89 14.02 8.40
C VAL A 279 -4.67 14.66 7.27
N ASP A 280 -5.70 13.95 6.81
CA ASP A 280 -6.29 14.27 5.49
C ASP A 280 -7.80 14.28 5.50
N GLY A 281 -8.46 14.12 6.64
CA GLY A 281 -9.93 14.21 6.65
C GLY A 281 -10.61 13.17 5.76
N GLY A 282 -9.91 12.08 5.45
CA GLY A 282 -10.44 11.03 4.58
C GLY A 282 -10.21 11.25 3.10
N LEU A 283 -9.53 12.32 2.70
CA LEU A 283 -9.40 12.66 1.26
C LEU A 283 -8.85 11.50 0.44
N SER A 284 -7.83 10.81 0.93
CA SER A 284 -7.12 9.76 0.16
C SER A 284 -8.02 8.55 -0.06
N LEU A 285 -9.13 8.46 0.66
CA LEU A 285 -10.02 7.29 0.52
C LEU A 285 -11.12 7.55 -0.50
N VAL A 286 -11.19 8.73 -1.08
CA VAL A 286 -12.30 9.09 -1.99
C VAL A 286 -11.98 8.65 -3.41
N HIS A 287 -12.83 7.84 -4.03
CA HIS A 287 -12.59 7.40 -5.43
C HIS A 287 -12.90 8.52 -6.43
N ALA A 288 -12.42 8.37 -7.66
CA ALA A 288 -12.70 9.28 -8.79
C ALA A 288 -14.20 9.44 -8.99
N GLU B 22 -19.92 17.18 31.65
CA GLU B 22 -20.22 15.72 31.67
C GLU B 22 -19.05 14.94 31.05
N ALA B 23 -18.63 13.86 31.70
CA ALA B 23 -17.48 13.06 31.24
C ALA B 23 -17.91 12.23 30.04
N PRO B 24 -17.03 12.11 29.01
CA PRO B 24 -17.35 11.24 27.89
C PRO B 24 -17.28 9.77 28.32
N ALA B 25 -17.77 8.90 27.44
CA ALA B 25 -17.83 7.46 27.72
C ALA B 25 -17.27 6.67 26.55
N ALA B 26 -16.65 5.53 26.87
CA ALA B 26 -16.04 4.66 25.85
C ALA B 26 -16.41 3.22 26.10
N VAL B 27 -16.54 2.48 25.00
CA VAL B 27 -16.61 1.01 25.02
C VAL B 27 -15.26 0.48 24.56
N VAL B 28 -14.68 -0.44 25.30
CA VAL B 28 -13.47 -1.16 24.86
C VAL B 28 -13.79 -2.64 24.84
N THR B 29 -13.67 -3.28 23.69
CA THR B 29 -13.90 -4.73 23.62
C THR B 29 -12.66 -5.49 24.05
N GLY B 30 -12.90 -6.65 24.66
CA GLY B 30 -11.78 -7.45 25.14
C GLY B 30 -10.89 -6.69 26.12
N ALA B 31 -11.50 -6.01 27.08
CA ALA B 31 -10.78 -5.05 27.93
C ALA B 31 -10.31 -5.62 29.27
N ALA B 32 -10.52 -6.91 29.53
CA ALA B 32 -10.15 -7.45 30.85
C ALA B 32 -8.64 -7.54 31.04
N LYS B 33 -7.89 -7.77 29.97
CA LYS B 33 -6.47 -8.13 30.08
C LYS B 33 -5.65 -7.41 29.00
N ARG B 34 -4.36 -7.36 29.23
CA ARG B 34 -3.38 -7.11 28.14
C ARG B 34 -3.67 -5.74 27.49
N ILE B 35 -3.67 -5.67 26.17
CA ILE B 35 -3.77 -4.36 25.51
C ILE B 35 -5.11 -3.69 25.79
N GLY B 36 -6.20 -4.44 25.73
CA GLY B 36 -7.51 -3.84 25.99
C GLY B 36 -7.59 -3.24 27.39
N ARG B 37 -7.03 -3.93 28.37
CA ARG B 37 -7.01 -3.42 29.74
C ARG B 37 -6.25 -2.10 29.79
N ALA B 38 -5.09 -2.04 29.15
CA ALA B 38 -4.29 -0.81 29.18
C ALA B 38 -5.03 0.33 28.50
N ILE B 39 -5.73 0.03 27.42
CA ILE B 39 -6.54 1.06 26.74
C ILE B 39 -7.63 1.57 27.67
N ALA B 40 -8.37 0.67 28.31
CA ALA B 40 -9.42 1.08 29.24
C ALA B 40 -8.84 1.95 30.38
N VAL B 41 -7.72 1.53 30.94
CA VAL B 41 -7.08 2.31 32.02
C VAL B 41 -6.71 3.70 31.52
N LYS B 42 -6.05 3.80 30.36
CA LYS B 42 -5.62 5.13 29.89
C LYS B 42 -6.82 6.01 29.54
N LEU B 43 -7.86 5.42 28.95
CA LEU B 43 -9.07 6.22 28.68
C LEU B 43 -9.62 6.73 30.01
N HIS B 44 -9.69 5.87 31.03
CA HIS B 44 -10.20 6.28 32.34
C HIS B 44 -9.34 7.41 32.91
N GLN B 45 -8.03 7.30 32.80
CA GLN B 45 -7.09 8.31 33.32
C GLN B 45 -7.28 9.64 32.57
N THR B 46 -7.72 9.59 31.33
CA THR B 46 -7.98 10.78 30.47
C THR B 46 -9.33 11.39 30.81
N GLY B 47 -10.16 10.71 31.59
CA GLY B 47 -11.44 11.24 32.04
C GLY B 47 -12.66 10.53 31.48
N TYR B 48 -12.48 9.45 30.74
CA TYR B 48 -13.63 8.69 30.21
C TYR B 48 -14.20 7.78 31.29
N ARG B 49 -15.53 7.61 31.24
CA ARG B 49 -16.21 6.46 31.83
C ARG B 49 -16.10 5.30 30.83
N VAL B 50 -16.00 4.09 31.32
CA VAL B 50 -15.69 2.95 30.42
CA VAL B 50 -15.66 2.94 30.42
C VAL B 50 -16.63 1.77 30.63
N VAL B 51 -17.01 1.18 29.51
CA VAL B 51 -17.60 -0.18 29.45
C VAL B 51 -16.47 -1.14 29.11
N ILE B 52 -16.22 -2.05 30.04
CA ILE B 52 -15.21 -3.10 29.92
C ILE B 52 -15.94 -4.32 29.38
N HIS B 53 -15.85 -4.55 28.08
CA HIS B 53 -16.42 -5.77 27.51
C HIS B 53 -15.45 -6.93 27.74
N TYR B 54 -16.01 -8.10 27.97
CA TYR B 54 -15.20 -9.32 28.11
C TYR B 54 -16.02 -10.50 27.62
N HIS B 55 -15.33 -11.61 27.42
CA HIS B 55 -15.99 -12.87 26.98
C HIS B 55 -15.84 -13.89 28.10
N ASN B 56 -14.65 -14.44 28.30
CA ASN B 56 -14.41 -15.46 29.34
C ASN B 56 -13.78 -14.88 30.59
N SER B 57 -13.16 -13.71 30.56
CA SER B 57 -12.32 -13.24 31.68
C SER B 57 -13.14 -12.39 32.67
N ALA B 58 -14.16 -13.01 33.28
CA ALA B 58 -15.06 -12.25 34.17
C ALA B 58 -14.30 -11.71 35.39
N GLU B 59 -13.49 -12.53 36.04
CA GLU B 59 -12.82 -12.12 37.27
C GLU B 59 -11.93 -10.91 36.98
N ALA B 60 -11.17 -10.97 35.88
CA ALA B 60 -10.26 -9.87 35.53
C ALA B 60 -11.07 -8.62 35.14
N ALA B 61 -12.19 -8.77 34.43
CA ALA B 61 -13.01 -7.62 34.03
C ALA B 61 -13.55 -6.91 35.27
N VAL B 62 -14.05 -7.70 36.21
CA VAL B 62 -14.63 -7.17 37.45
C VAL B 62 -13.54 -6.53 38.30
N SER B 63 -12.37 -7.13 38.37
CA SER B 63 -11.26 -6.54 39.16
CA SER B 63 -11.23 -6.56 39.13
C SER B 63 -10.88 -5.19 38.55
N LEU B 64 -10.83 -5.08 37.23
CA LEU B 64 -10.54 -3.79 36.60
C LEU B 64 -11.64 -2.79 36.93
N ALA B 65 -12.90 -3.17 36.78
CA ALA B 65 -14.01 -2.24 37.07
C ALA B 65 -13.92 -1.76 38.52
N ASP B 66 -13.65 -2.68 39.43
CA ASP B 66 -13.58 -2.31 40.86
C ASP B 66 -12.42 -1.34 41.08
N GLU B 67 -11.29 -1.55 40.42
CA GLU B 67 -10.13 -0.63 40.55
C GLU B 67 -10.52 0.76 40.04
N LEU B 68 -11.16 0.83 38.88
CA LEU B 68 -11.50 2.12 38.28
C LEU B 68 -12.57 2.84 39.09
N ASN B 69 -13.54 2.10 39.62
CA ASN B 69 -14.61 2.71 40.44
C ASN B 69 -14.05 3.16 41.79
N LYS B 70 -13.02 2.50 42.31
CA LYS B 70 -12.35 2.97 43.53
C LYS B 70 -11.68 4.32 43.25
N GLU B 71 -11.13 4.48 42.05
CA GLU B 71 -10.48 5.76 41.65
CA GLU B 71 -10.48 5.76 41.67
C GLU B 71 -11.55 6.85 41.52
N ARG B 72 -12.67 6.56 40.84
CA ARG B 72 -13.80 7.52 40.66
CA ARG B 72 -13.80 7.52 40.74
C ARG B 72 -15.10 6.72 40.65
N SER B 73 -15.99 6.94 41.61
CA SER B 73 -17.24 6.14 41.71
CA SER B 73 -17.23 6.13 41.70
CA SER B 73 -17.25 6.15 41.71
C SER B 73 -18.05 6.24 40.40
N ASN B 74 -18.65 5.13 39.99
CA ASN B 74 -19.67 5.10 38.92
C ASN B 74 -19.04 5.50 37.59
N THR B 75 -17.81 5.05 37.34
CA THR B 75 -17.12 5.36 36.07
C THR B 75 -16.74 4.11 35.27
N ALA B 76 -17.09 2.92 35.73
CA ALA B 76 -16.75 1.68 35.00
C ALA B 76 -17.87 0.68 35.20
N VAL B 77 -18.24 0.00 34.13
CA VAL B 77 -19.14 -1.17 34.18
C VAL B 77 -18.54 -2.24 33.29
N VAL B 78 -18.99 -3.48 33.46
CA VAL B 78 -18.59 -4.59 32.59
C VAL B 78 -19.76 -5.00 31.73
N CYS B 79 -19.47 -5.65 30.60
CA CYS B 79 -20.51 -6.15 29.69
C CYS B 79 -19.96 -7.43 29.07
N GLN B 80 -20.62 -8.55 29.31
CA GLN B 80 -20.16 -9.85 28.77
C GLN B 80 -20.80 -10.11 27.42
N ALA B 81 -20.00 -10.57 26.46
CA ALA B 81 -20.54 -11.05 25.18
C ALA B 81 -19.52 -11.87 24.44
N ASP B 82 -20.01 -12.92 23.80
CA ASP B 82 -19.27 -13.64 22.76
C ASP B 82 -19.38 -12.85 21.46
N LEU B 83 -18.25 -12.57 20.83
CA LEU B 83 -18.19 -11.82 19.56
C LEU B 83 -17.92 -12.73 18.37
N THR B 84 -18.03 -14.04 18.57
CA THR B 84 -18.03 -14.99 17.44
CA THR B 84 -18.06 -15.02 17.46
C THR B 84 -19.22 -14.66 16.53
N ASN B 85 -19.03 -14.79 15.23
CA ASN B 85 -20.16 -14.55 14.32
C ASN B 85 -21.25 -15.61 14.53
N SER B 86 -22.49 -15.17 14.50
CA SER B 86 -23.68 -16.04 14.62
C SER B 86 -24.92 -15.21 14.33
N ASN B 87 -26.06 -15.86 14.30
CA ASN B 87 -27.35 -15.17 14.10
C ASN B 87 -27.64 -14.15 15.21
N VAL B 88 -27.07 -14.32 16.40
CA VAL B 88 -27.36 -13.41 17.55
C VAL B 88 -26.29 -12.32 17.66
N LEU B 89 -25.22 -12.37 16.86
CA LEU B 89 -24.14 -11.37 17.04
C LEU B 89 -24.67 -9.94 16.86
N PRO B 90 -25.53 -9.63 15.88
CA PRO B 90 -26.00 -8.23 15.77
C PRO B 90 -26.67 -7.75 17.07
N ALA B 91 -27.51 -8.60 17.67
CA ALA B 91 -28.17 -8.24 18.93
C ALA B 91 -27.15 -8.06 20.05
N SER B 92 -26.14 -8.93 20.12
CA SER B 92 -25.10 -8.81 21.16
C SER B 92 -24.36 -7.47 21.02
N CYS B 93 -24.05 -7.09 19.79
CA CYS B 93 -23.29 -5.84 19.56
C CYS B 93 -24.17 -4.63 19.87
N GLU B 94 -25.44 -4.68 19.50
CA GLU B 94 -26.37 -3.60 19.88
C GLU B 94 -26.42 -3.47 21.41
N GLU B 95 -26.44 -4.61 22.11
CA GLU B 95 -26.50 -4.59 23.58
C GLU B 95 -25.23 -4.00 24.19
N ILE B 96 -24.06 -4.26 23.61
CA ILE B 96 -22.82 -3.67 24.16
C ILE B 96 -22.91 -2.15 24.07
N ILE B 97 -23.31 -1.62 22.91
CA ILE B 97 -23.44 -0.16 22.76
C ILE B 97 -24.52 0.36 23.72
N ASN B 98 -25.64 -0.35 23.78
CA ASN B 98 -26.73 0.08 24.68
C ASN B 98 -26.26 0.11 26.12
N SER B 99 -25.36 -0.79 26.52
CA SER B 99 -24.85 -0.83 27.92
CA SER B 99 -24.86 -0.84 27.93
C SER B 99 -24.14 0.49 28.26
N CYS B 100 -23.46 1.07 27.29
CA CYS B 100 -22.76 2.35 27.53
C CYS B 100 -23.78 3.48 27.72
N PHE B 101 -24.81 3.54 26.88
CA PHE B 101 -25.87 4.54 27.04
C PHE B 101 -26.62 4.33 28.36
N ARG B 102 -26.89 3.09 28.75
CA ARG B 102 -27.65 2.86 30.00
C ARG B 102 -26.81 3.30 31.20
N ALA B 103 -25.52 3.04 31.20
CA ALA B 103 -24.66 3.38 32.36
C ALA B 103 -24.38 4.88 32.38
N PHE B 104 -24.09 5.47 31.23
CA PHE B 104 -23.42 6.78 31.18
C PHE B 104 -24.19 7.82 30.37
N GLY B 105 -25.23 7.44 29.64
CA GLY B 105 -26.10 8.38 28.91
C GLY B 105 -25.52 8.85 27.59
N ARG B 106 -24.40 8.28 27.17
CA ARG B 106 -23.70 8.71 25.93
C ARG B 106 -22.69 7.60 25.60
N CYS B 107 -22.19 7.65 24.38
CA CYS B 107 -21.11 6.74 23.95
C CYS B 107 -20.29 7.49 22.91
N ASP B 108 -19.13 7.96 23.32
CA ASP B 108 -18.30 8.87 22.51
C ASP B 108 -17.24 8.12 21.72
N VAL B 109 -16.77 7.00 22.26
CA VAL B 109 -15.63 6.26 21.71
C VAL B 109 -15.94 4.78 21.73
N LEU B 110 -15.59 4.11 20.63
CA LEU B 110 -15.61 2.65 20.53
C LEU B 110 -14.22 2.18 20.16
N VAL B 111 -13.67 1.27 20.93
CA VAL B 111 -12.37 0.64 20.62
C VAL B 111 -12.61 -0.85 20.35
N ASN B 112 -12.38 -1.24 19.11
CA ASN B 112 -12.50 -2.64 18.69
C ASN B 112 -11.16 -3.34 18.87
N ASN B 113 -10.99 -3.96 20.03
CA ASN B 113 -9.74 -4.60 20.47
C ASN B 113 -9.85 -6.13 20.51
N ALA B 114 -11.00 -6.66 20.91
CA ALA B 114 -11.15 -8.11 21.11
C ALA B 114 -10.78 -8.87 19.84
N SER B 115 -10.12 -10.01 19.97
CA SER B 115 -9.58 -10.67 18.78
C SER B 115 -9.18 -12.09 19.12
N ALA B 116 -9.70 -13.04 18.35
CA ALA B 116 -9.20 -14.42 18.32
C ALA B 116 -7.97 -14.47 17.39
N PHE B 117 -7.02 -15.32 17.76
CA PHE B 117 -5.74 -15.42 17.05
C PHE B 117 -5.20 -16.82 17.24
N TYR B 118 -5.17 -17.60 16.17
CA TYR B 118 -4.63 -18.97 16.20
C TYR B 118 -4.49 -19.41 14.75
N PRO B 119 -3.63 -20.41 14.47
CA PRO B 119 -3.41 -20.83 13.09
C PRO B 119 -4.58 -21.64 12.54
N THR B 120 -4.75 -21.57 11.23
CA THR B 120 -5.76 -22.32 10.46
C THR B 120 -5.08 -22.79 9.19
N PRO B 121 -4.28 -23.87 9.24
CA PRO B 121 -3.53 -24.29 8.06
C PRO B 121 -4.46 -24.63 6.90
N LEU B 122 -4.01 -24.33 5.69
CA LEU B 122 -4.79 -24.64 4.47
C LEU B 122 -4.72 -26.13 4.14
N VAL B 123 -3.63 -26.80 4.51
CA VAL B 123 -3.42 -28.24 4.19
C VAL B 123 -3.23 -29.02 5.49
N LYS B 134 -11.90 -27.85 16.60
CA LYS B 134 -12.91 -26.92 16.04
C LYS B 134 -13.12 -27.22 14.56
N THR B 135 -14.36 -27.15 14.10
CA THR B 135 -14.63 -27.22 12.65
C THR B 135 -14.08 -25.94 12.00
N VAL B 136 -13.84 -26.04 10.70
CA VAL B 136 -13.35 -24.85 9.96
CA VAL B 136 -13.36 -24.86 9.94
C VAL B 136 -14.42 -23.75 10.03
N GLU B 137 -15.71 -24.07 10.00
CA GLU B 137 -16.72 -23.00 10.07
C GLU B 137 -16.74 -22.36 11.46
N THR B 138 -16.43 -23.10 12.51
CA THR B 138 -16.27 -22.46 13.84
C THR B 138 -15.07 -21.50 13.82
N GLN B 139 -13.99 -21.91 13.18
CA GLN B 139 -12.79 -21.05 13.08
C GLN B 139 -13.12 -19.79 12.28
N VAL B 140 -13.87 -19.93 11.20
CA VAL B 140 -14.32 -18.74 10.43
C VAL B 140 -15.10 -17.84 11.36
N ALA B 141 -16.08 -18.40 12.07
CA ALA B 141 -16.98 -17.59 12.91
C ALA B 141 -16.16 -16.84 13.96
N GLU B 142 -15.19 -17.51 14.56
CA GLU B 142 -14.41 -16.89 15.64
C GLU B 142 -13.43 -15.85 15.10
N LEU B 143 -12.64 -16.24 14.10
CA LEU B 143 -11.55 -15.37 13.62
C LEU B 143 -12.12 -14.21 12.81
N ILE B 144 -13.04 -14.48 11.90
CA ILE B 144 -13.65 -13.38 11.11
C ILE B 144 -14.65 -12.63 11.96
N GLY B 145 -15.37 -13.30 12.86
CA GLY B 145 -16.32 -12.60 13.74
C GLY B 145 -15.62 -11.60 14.64
N THR B 146 -14.64 -12.05 15.41
CA THR B 146 -14.02 -11.13 16.37
C THR B 146 -13.26 -10.01 15.66
N ASN B 147 -12.52 -10.34 14.61
CA ASN B 147 -11.60 -9.37 14.01
C ASN B 147 -12.30 -8.44 13.02
N ALA B 148 -13.49 -8.81 12.54
CA ALA B 148 -14.09 -8.02 11.44
C ALA B 148 -15.60 -7.85 11.61
N ILE B 149 -16.37 -8.92 11.74
CA ILE B 149 -17.84 -8.77 11.70
CA ILE B 149 -17.85 -8.77 11.71
C ILE B 149 -18.34 -8.06 12.96
N ALA B 150 -17.85 -8.45 14.14
CA ALA B 150 -18.26 -7.74 15.37
C ALA B 150 -17.86 -6.27 15.28
N PRO B 151 -16.63 -5.92 14.87
CA PRO B 151 -16.34 -4.49 14.67
C PRO B 151 -17.34 -3.79 13.77
N PHE B 152 -17.72 -4.44 12.67
CA PHE B 152 -18.72 -3.86 11.73
C PHE B 152 -20.06 -3.63 12.44
N LEU B 153 -20.54 -4.63 13.15
CA LEU B 153 -21.86 -4.51 13.81
C LEU B 153 -21.81 -3.50 14.95
N LEU B 154 -20.73 -3.49 15.71
CA LEU B 154 -20.55 -2.48 16.77
C LEU B 154 -20.49 -1.08 16.15
N THR B 155 -19.83 -0.94 15.00
CA THR B 155 -19.77 0.35 14.30
C THR B 155 -21.16 0.77 13.87
N MET B 156 -21.93 -0.16 13.32
CA MET B 156 -23.34 0.14 12.92
CA MET B 156 -23.32 0.15 12.92
C MET B 156 -24.11 0.63 14.15
N SER B 157 -24.05 -0.12 15.24
CA SER B 157 -24.84 0.21 16.44
C SER B 157 -24.37 1.55 17.03
N PHE B 158 -23.06 1.78 17.08
CA PHE B 158 -22.50 3.04 17.59
C PHE B 158 -23.04 4.21 16.77
N ALA B 159 -22.96 4.10 15.45
CA ALA B 159 -23.39 5.21 14.56
C ALA B 159 -24.90 5.42 14.66
N GLN B 160 -25.67 4.34 14.69
CA GLN B 160 -27.15 4.46 14.70
C GLN B 160 -27.60 5.16 15.99
N ARG B 161 -26.92 4.93 17.10
CA ARG B 161 -27.32 5.51 18.41
C ARG B 161 -26.95 6.99 18.52
N GLN B 162 -26.12 7.54 17.63
CA GLN B 162 -25.71 8.97 17.73
C GLN B 162 -26.80 9.85 17.12
N ASN B 173 -16.73 14.99 19.93
CA ASN B 173 -15.51 14.31 19.44
C ASN B 173 -15.77 12.81 19.49
N LEU B 174 -16.58 12.35 18.53
CA LEU B 174 -16.93 10.92 18.41
C LEU B 174 -15.89 10.21 17.58
N SER B 175 -15.41 9.05 18.03
CA SER B 175 -14.53 8.28 17.17
C SER B 175 -14.50 6.81 17.53
N ILE B 176 -14.02 6.07 16.55
CA ILE B 176 -13.83 4.62 16.62
C ILE B 176 -12.37 4.35 16.35
N VAL B 177 -11.77 3.45 17.15
CA VAL B 177 -10.38 2.98 16.93
C VAL B 177 -10.41 1.48 16.82
N ASN B 178 -9.90 0.97 15.71
CA ASN B 178 -9.79 -0.47 15.45
C ASN B 178 -8.36 -0.95 15.67
N LEU B 179 -8.19 -2.03 16.40
CA LEU B 179 -6.86 -2.63 16.62
C LEU B 179 -6.57 -3.56 15.46
N CYS B 180 -5.63 -3.12 14.66
CA CYS B 180 -5.21 -3.74 13.39
C CYS B 180 -3.94 -4.56 13.64
N ASP B 181 -3.12 -4.73 12.62
CA ASP B 181 -1.91 -5.55 12.72
C ASP B 181 -0.92 -5.00 11.70
N ALA B 182 0.23 -4.52 12.16
CA ALA B 182 1.23 -3.92 11.27
C ALA B 182 1.78 -4.94 10.27
N MET B 183 1.65 -6.23 10.55
CA MET B 183 2.20 -7.27 9.67
C MET B 183 1.14 -7.82 8.72
N VAL B 184 0.06 -7.07 8.50
CA VAL B 184 -1.09 -7.59 7.70
C VAL B 184 -0.65 -7.94 6.27
N ASP B 185 0.39 -7.29 5.72
CA ASP B 185 0.85 -7.61 4.34
C ASP B 185 2.14 -8.46 4.32
N GLN B 186 2.60 -8.97 5.47
CA GLN B 186 3.68 -9.98 5.57
C GLN B 186 3.24 -11.00 6.58
N PRO B 187 2.23 -11.79 6.22
CA PRO B 187 1.51 -12.54 7.27
C PRO B 187 2.27 -13.75 7.82
N CYS B 188 1.88 -14.16 9.03
CA CYS B 188 2.38 -15.38 9.69
C CYS B 188 1.95 -16.59 8.86
N MET B 189 2.85 -17.55 8.69
CA MET B 189 2.57 -18.83 8.00
C MET B 189 1.40 -19.53 8.69
N ALA B 190 0.40 -19.95 7.90
CA ALA B 190 -0.73 -20.79 8.37
C ALA B 190 -1.73 -19.99 9.22
N PHE B 191 -1.75 -18.67 9.10
CA PHE B 191 -2.71 -17.80 9.80
C PHE B 191 -3.66 -17.14 8.79
N SER B 192 -4.13 -17.87 7.79
CA SER B 192 -4.90 -17.21 6.71
CA SER B 192 -4.95 -17.29 6.70
C SER B 192 -6.19 -16.60 7.26
N LEU B 193 -6.98 -17.29 8.08
CA LEU B 193 -8.27 -16.70 8.50
C LEU B 193 -8.04 -15.49 9.39
N TYR B 194 -7.09 -15.56 10.29
CA TYR B 194 -6.75 -14.37 11.11
C TYR B 194 -6.37 -13.22 10.20
N ASN B 195 -5.49 -13.47 9.24
CA ASN B 195 -5.01 -12.41 8.33
C ASN B 195 -6.16 -11.86 7.50
N MET B 196 -7.05 -12.72 7.03
CA MET B 196 -8.25 -12.29 6.30
C MET B 196 -9.08 -11.37 7.18
N GLY B 197 -9.25 -11.73 8.45
CA GLY B 197 -10.02 -10.90 9.37
C GLY B 197 -9.39 -9.53 9.58
N LYS B 198 -8.08 -9.49 9.77
CA LYS B 198 -7.40 -8.20 9.95
C LYS B 198 -7.43 -7.37 8.67
N HIS B 199 -7.32 -7.99 7.51
CA HIS B 199 -7.45 -7.23 6.24
CA HIS B 199 -7.47 -7.25 6.24
C HIS B 199 -8.88 -6.66 6.15
N ALA B 200 -9.88 -7.47 6.46
CA ALA B 200 -11.26 -6.98 6.47
C ALA B 200 -11.40 -5.78 7.40
N LEU B 201 -10.72 -5.81 8.55
CA LEU B 201 -10.79 -4.69 9.51
C LEU B 201 -10.18 -3.43 8.91
N VAL B 202 -9.12 -3.53 8.11
CA VAL B 202 -8.59 -2.36 7.39
C VAL B 202 -9.68 -1.80 6.48
N GLY B 203 -10.33 -2.68 5.74
CA GLY B 203 -11.41 -2.25 4.85
C GLY B 203 -12.54 -1.58 5.61
N LEU B 204 -12.94 -2.14 6.74
CA LEU B 204 -13.98 -1.49 7.56
C LEU B 204 -13.52 -0.12 8.02
N THR B 205 -12.28 -0.02 8.48
CA THR B 205 -11.78 1.26 8.99
C THR B 205 -11.93 2.34 7.92
N GLN B 206 -11.52 2.00 6.70
CA GLN B 206 -11.56 2.97 5.59
C GLN B 206 -13.00 3.23 5.12
N SER B 207 -13.78 2.19 4.96
CA SER B 207 -15.17 2.33 4.52
C SER B 207 -15.98 3.16 5.52
N ALA B 208 -15.84 2.83 6.80
CA ALA B 208 -16.59 3.52 7.84
C ALA B 208 -16.08 4.96 8.00
N ALA B 209 -14.79 5.19 7.85
CA ALA B 209 -14.30 6.59 7.90
C ALA B 209 -15.03 7.42 6.84
N LEU B 210 -15.13 6.90 5.64
CA LEU B 210 -15.78 7.62 4.51
CA LEU B 210 -15.78 7.67 4.55
C LEU B 210 -17.27 7.85 4.83
N GLU B 211 -17.94 6.79 5.23
CA GLU B 211 -19.40 6.83 5.37
C GLU B 211 -19.84 7.62 6.60
N LEU B 212 -19.04 7.60 7.65
CA LEU B 212 -19.44 8.26 8.91
C LEU B 212 -18.87 9.67 9.04
N ALA B 213 -18.00 10.10 8.14
CA ALA B 213 -17.47 11.48 8.16
C ALA B 213 -18.61 12.49 8.18
N PRO B 214 -19.71 12.36 7.40
CA PRO B 214 -20.76 13.36 7.43
C PRO B 214 -21.44 13.50 8.80
N TYR B 215 -21.33 12.48 9.65
CA TYR B 215 -21.91 12.47 11.01
C TYR B 215 -20.89 12.95 12.04
N GLY B 216 -19.68 13.32 11.59
CA GLY B 216 -18.62 13.79 12.49
C GLY B 216 -18.00 12.67 13.29
N ILE B 217 -18.12 11.42 12.83
CA ILE B 217 -17.50 10.29 13.53
C ILE B 217 -16.22 9.93 12.77
N ARG B 218 -15.10 10.01 13.47
CA ARG B 218 -13.81 9.61 12.87
C ARG B 218 -13.58 8.12 13.12
N VAL B 219 -12.90 7.47 12.20
CA VAL B 219 -12.65 6.02 12.30
C VAL B 219 -11.21 5.78 11.92
N ASN B 220 -10.42 5.25 12.84
CA ASN B 220 -8.97 5.09 12.64
C ASN B 220 -8.54 3.74 13.19
N GLY B 221 -7.29 3.41 12.95
CA GLY B 221 -6.71 2.17 13.46
C GLY B 221 -5.38 2.39 14.14
N VAL B 222 -5.05 1.45 15.00
CA VAL B 222 -3.73 1.32 15.63
C VAL B 222 -3.25 -0.08 15.31
N ALA B 223 -2.05 -0.19 14.73
CA ALA B 223 -1.53 -1.47 14.22
C ALA B 223 -0.26 -1.84 14.98
N PRO B 224 -0.38 -2.67 16.03
CA PRO B 224 0.81 -3.18 16.70
C PRO B 224 1.58 -4.11 15.76
N GLY B 225 2.89 -4.23 16.02
CA GLY B 225 3.74 -5.25 15.39
C GLY B 225 3.86 -6.44 16.32
N VAL B 226 4.90 -6.42 17.14
CA VAL B 226 5.03 -7.31 18.30
C VAL B 226 4.75 -6.48 19.53
N SER B 227 3.68 -6.81 20.23
CA SER B 227 3.39 -6.27 21.56
C SER B 227 3.40 -7.45 22.53
N LEU B 228 2.47 -7.48 23.48
CA LEU B 228 2.56 -8.47 24.56
C LEU B 228 2.54 -9.87 23.97
N LEU B 229 3.50 -10.67 24.38
CA LEU B 229 3.61 -12.06 23.95
C LEU B 229 2.81 -12.92 24.93
N PRO B 230 2.51 -14.19 24.59
CA PRO B 230 1.80 -15.06 25.52
C PRO B 230 2.68 -15.39 26.73
N VAL B 231 2.12 -15.36 27.94
CA VAL B 231 2.93 -15.65 29.16
C VAL B 231 3.60 -17.01 29.01
N ALA B 232 2.86 -17.99 28.46
CA ALA B 232 3.33 -19.39 28.40
C ALA B 232 4.35 -19.62 27.29
N MET B 233 4.57 -18.65 26.38
CA MET B 233 5.58 -18.79 25.32
C MET B 233 6.97 -18.82 25.98
N GLY B 234 7.80 -19.79 25.60
CA GLY B 234 9.16 -19.86 26.13
C GLY B 234 9.89 -18.56 25.89
N GLU B 235 10.70 -18.12 26.85
CA GLU B 235 11.49 -16.88 26.66
C GLU B 235 12.38 -16.99 25.42
N GLU B 236 12.84 -18.20 25.08
CA GLU B 236 13.71 -18.33 23.88
C GLU B 236 12.88 -17.96 22.64
N GLU B 237 11.62 -18.33 22.58
CA GLU B 237 10.73 -18.00 21.44
CA GLU B 237 10.74 -17.99 21.44
C GLU B 237 10.37 -16.50 21.53
N LYS B 238 10.11 -15.99 22.72
CA LYS B 238 9.80 -14.56 22.86
C LYS B 238 10.98 -13.76 22.35
N ASP B 239 12.20 -14.18 22.67
CA ASP B 239 13.41 -13.44 22.24
C ASP B 239 13.56 -13.46 20.73
N LYS B 240 13.14 -14.52 20.05
CA LYS B 240 13.19 -14.57 18.58
C LYS B 240 12.31 -13.43 18.03
N TRP B 241 11.14 -13.22 18.61
CA TRP B 241 10.23 -12.12 18.20
C TRP B 241 10.88 -10.76 18.54
N ARG B 242 11.41 -10.62 19.76
CA ARG B 242 11.97 -9.32 20.22
C ARG B 242 13.14 -8.91 19.33
N ARG B 243 13.98 -9.86 18.93
CA ARG B 243 15.19 -9.52 18.15
C ARG B 243 14.83 -9.04 16.74
N LYS B 244 13.61 -9.27 16.28
CA LYS B 244 13.14 -8.81 14.94
C LYS B 244 12.98 -7.27 14.96
N VAL B 245 12.81 -6.65 16.13
CA VAL B 245 12.32 -5.25 16.22
C VAL B 245 13.50 -4.28 16.18
N PRO B 246 13.59 -3.44 15.12
CA PRO B 246 14.71 -2.51 15.04
C PRO B 246 14.85 -1.58 16.24
N LEU B 247 13.74 -1.02 16.70
CA LEU B 247 13.77 -0.01 17.76
C LEU B 247 13.77 -0.68 19.12
N GLY B 248 14.95 -0.99 19.63
CA GLY B 248 15.13 -1.48 20.99
C GLY B 248 15.08 -2.99 21.14
N ARG B 249 14.82 -3.76 20.07
CA ARG B 249 14.85 -5.25 20.15
C ARG B 249 13.95 -5.69 21.33
N ARG B 250 12.76 -5.14 21.38
CA ARG B 250 11.78 -5.44 22.43
C ARG B 250 10.39 -5.26 21.84
N GLU B 251 9.42 -5.91 22.46
CA GLU B 251 8.00 -5.74 22.12
C GLU B 251 7.46 -4.42 22.68
N ALA B 252 6.40 -3.94 22.08
CA ALA B 252 5.66 -2.79 22.63
C ALA B 252 4.97 -3.18 23.92
N SER B 253 4.99 -2.30 24.90
CA SER B 253 4.11 -2.47 26.05
C SER B 253 2.67 -2.24 25.62
N ALA B 254 1.73 -2.76 26.41
CA ALA B 254 0.32 -2.45 26.18
C ALA B 254 0.09 -0.94 26.28
N GLU B 255 0.79 -0.28 27.19
CA GLU B 255 0.65 1.16 27.41
C GLU B 255 1.08 1.94 26.16
N GLN B 256 2.12 1.50 25.47
CA GLN B 256 2.56 2.18 24.24
C GLN B 256 1.51 2.06 23.16
N ILE B 257 0.87 0.90 23.05
CA ILE B 257 -0.27 0.76 22.11
C ILE B 257 -1.39 1.71 22.53
N ALA B 258 -1.72 1.72 23.82
CA ALA B 258 -2.79 2.58 24.33
C ALA B 258 -2.50 4.05 24.05
N ASP B 259 -1.25 4.47 24.11
CA ASP B 259 -0.90 5.89 23.85
C ASP B 259 -1.38 6.30 22.47
N ALA B 260 -1.27 5.43 21.47
CA ALA B 260 -1.72 5.80 20.12
C ALA B 260 -3.23 5.89 20.06
N VAL B 261 -3.93 5.02 20.78
CA VAL B 261 -5.40 5.11 20.86
C VAL B 261 -5.79 6.45 21.49
N ILE B 262 -5.14 6.83 22.59
CA ILE B 262 -5.44 8.10 23.28
C ILE B 262 -5.24 9.27 22.33
N PHE B 263 -4.17 9.27 21.55
CA PHE B 263 -3.96 10.33 20.56
C PHE B 263 -5.14 10.38 19.59
N LEU B 264 -5.51 9.23 19.03
CA LEU B 264 -6.53 9.22 17.97
C LEU B 264 -7.89 9.66 18.46
N VAL B 265 -8.23 9.44 19.74
CA VAL B 265 -9.55 9.88 20.23
C VAL B 265 -9.51 11.32 20.72
N SER B 266 -8.33 11.91 20.81
CA SER B 266 -8.14 13.27 21.37
C SER B 266 -8.48 14.36 20.35
N GLY B 267 -8.57 15.58 20.88
CA GLY B 267 -8.71 16.77 20.04
C GLY B 267 -7.51 17.03 19.14
N SER B 268 -6.37 16.45 19.47
CA SER B 268 -5.14 16.60 18.64
C SER B 268 -5.23 15.79 17.35
N ALA B 269 -6.28 14.99 17.17
CA ALA B 269 -6.49 14.14 15.98
C ALA B 269 -7.80 14.49 15.29
N GLN B 270 -8.33 15.68 15.49
CA GLN B 270 -9.72 15.96 15.02
CA GLN B 270 -9.70 16.05 15.02
C GLN B 270 -9.83 16.03 13.48
N TYR B 271 -8.74 16.10 12.73
CA TYR B 271 -8.81 16.03 11.25
C TYR B 271 -8.40 14.66 10.72
N ILE B 272 -8.07 13.73 11.61
CA ILE B 272 -7.56 12.41 11.23
C ILE B 272 -8.72 11.42 11.16
N THR B 273 -8.96 10.88 9.99
CA THR B 273 -9.92 9.79 9.82
C THR B 273 -9.45 8.90 8.69
N GLY B 274 -9.69 7.61 8.86
CA GLY B 274 -9.25 6.62 7.88
C GLY B 274 -7.78 6.29 7.97
N SER B 275 -7.09 6.71 9.02
CA SER B 275 -5.64 6.50 9.18
C SER B 275 -5.38 5.33 10.09
N ILE B 276 -4.38 4.54 9.75
CA ILE B 276 -3.92 3.42 10.60
C ILE B 276 -2.49 3.70 11.00
N ILE B 277 -2.29 3.93 12.30
CA ILE B 277 -0.97 4.25 12.85
C ILE B 277 -0.29 2.96 13.25
N LYS B 278 0.82 2.63 12.61
CA LYS B 278 1.65 1.51 13.06
C LYS B 278 2.36 1.91 14.34
N VAL B 279 2.37 1.00 15.30
CA VAL B 279 3.12 1.14 16.56
C VAL B 279 3.96 -0.11 16.67
N ASP B 280 5.03 -0.16 15.87
CA ASP B 280 5.71 -1.44 15.60
C ASP B 280 7.23 -1.37 15.71
N GLY B 281 7.80 -0.27 16.11
CA GLY B 281 9.25 -0.23 16.30
C GLY B 281 10.03 -0.48 15.02
N GLY B 282 9.39 -0.31 13.87
CA GLY B 282 10.03 -0.54 12.57
C GLY B 282 9.88 -1.95 12.07
N LEU B 283 9.19 -2.85 12.77
CA LEU B 283 9.16 -4.28 12.41
C LEU B 283 8.71 -4.50 10.95
N SER B 284 7.67 -3.78 10.53
CA SER B 284 7.07 -4.01 9.20
C SER B 284 8.00 -3.60 8.08
N LEU B 285 9.08 -2.88 8.38
CA LEU B 285 10.02 -2.42 7.34
C LEU B 285 11.16 -3.41 7.15
N VAL B 286 11.23 -4.48 7.94
CA VAL B 286 12.37 -5.42 7.91
C VAL B 286 12.10 -6.51 6.88
N HIS B 287 12.98 -6.66 5.92
CA HIS B 287 12.86 -7.75 4.92
C HIS B 287 13.23 -9.12 5.51
N ALA B 288 12.82 -10.17 4.81
CA ALA B 288 13.12 -11.58 5.16
C ALA B 288 14.63 -11.77 5.24
N ALA C 23 7.05 -3.16 -38.44
CA ALA C 23 7.43 -3.78 -37.11
C ALA C 23 7.59 -2.69 -36.08
N PRO C 24 7.10 -2.89 -34.84
CA PRO C 24 7.28 -1.86 -33.81
C PRO C 24 8.75 -1.83 -33.36
N ALA C 25 9.09 -0.77 -32.63
CA ALA C 25 10.47 -0.54 -32.16
C ALA C 25 10.46 -0.23 -30.66
N ALA C 26 11.52 -0.66 -30.00
CA ALA C 26 11.66 -0.49 -28.55
C ALA C 26 13.05 0.03 -28.21
N VAL C 27 13.11 0.87 -27.19
CA VAL C 27 14.36 1.26 -26.51
C VAL C 27 14.45 0.49 -25.20
N VAL C 28 15.58 -0.14 -24.96
CA VAL C 28 15.86 -0.76 -23.64
C VAL C 28 17.12 -0.14 -23.09
N THR C 29 17.03 0.51 -21.94
CA THR C 29 18.23 1.07 -21.30
C THR C 29 18.99 -0.01 -20.53
N GLY C 30 20.30 0.13 -20.50
CA GLY C 30 21.13 -0.86 -19.81
C GLY C 30 20.93 -2.26 -20.39
N ALA C 31 20.92 -2.38 -21.71
CA ALA C 31 20.49 -3.61 -22.40
C ALA C 31 21.63 -4.56 -22.72
N ALA C 32 22.87 -4.23 -22.40
CA ALA C 32 24.00 -5.07 -22.82
C ALA C 32 24.06 -6.38 -22.04
N LYS C 33 23.59 -6.38 -20.80
CA LYS C 33 23.81 -7.54 -19.91
C LYS C 33 22.57 -7.84 -19.10
N ARG C 34 22.54 -9.04 -18.55
CA ARG C 34 21.65 -9.39 -17.42
C ARG C 34 20.18 -9.12 -17.81
N ILE C 35 19.43 -8.43 -16.95
CA ILE C 35 17.97 -8.32 -17.21
C ILE C 35 17.69 -7.52 -18.48
N GLY C 36 18.40 -6.42 -18.68
CA GLY C 36 18.16 -5.62 -19.89
C GLY C 36 18.39 -6.41 -21.15
N ARG C 37 19.45 -7.21 -21.15
CA ARG C 37 19.74 -8.06 -22.32
C ARG C 37 18.60 -9.04 -22.55
N ALA C 38 18.10 -9.69 -21.50
CA ALA C 38 17.01 -10.66 -21.66
C ALA C 38 15.76 -9.96 -22.19
N ILE C 39 15.49 -8.75 -21.72
CA ILE C 39 14.33 -7.98 -22.21
C ILE C 39 14.51 -7.68 -23.70
N ALA C 40 15.68 -7.18 -24.09
CA ALA C 40 15.94 -6.85 -25.50
C ALA C 40 15.78 -8.10 -26.36
N VAL C 41 16.32 -9.22 -25.91
CA VAL C 41 16.21 -10.47 -26.69
C VAL C 41 14.74 -10.85 -26.85
N LYS C 42 13.97 -10.84 -25.76
CA LYS C 42 12.55 -11.30 -25.86
CA LYS C 42 12.56 -11.31 -25.86
C LYS C 42 11.74 -10.32 -26.71
N LEU C 43 11.99 -9.02 -26.59
CA LEU C 43 11.27 -8.07 -27.47
C LEU C 43 11.62 -8.38 -28.92
N HIS C 44 12.90 -8.60 -29.21
CA HIS C 44 13.30 -8.91 -30.59
C HIS C 44 12.63 -10.19 -31.07
N GLN C 45 12.57 -11.21 -30.22
CA GLN C 45 11.93 -12.50 -30.59
C GLN C 45 10.45 -12.31 -30.85
N THR C 46 9.82 -11.33 -30.20
CA THR C 46 8.40 -10.98 -30.36
C THR C 46 8.17 -10.19 -31.66
N GLY C 47 9.24 -9.70 -32.30
CA GLY C 47 9.12 -9.00 -33.58
C GLY C 47 9.48 -7.52 -33.49
N TYR C 48 9.93 -7.03 -32.34
CA TYR C 48 10.38 -5.63 -32.24
C TYR C 48 11.78 -5.45 -32.86
N ARG C 49 11.97 -4.27 -33.41
CA ARG C 49 13.32 -3.72 -33.63
C ARG C 49 13.76 -3.06 -32.33
N VAL C 50 15.04 -3.10 -32.00
CA VAL C 50 15.50 -2.68 -30.66
CA VAL C 50 15.50 -2.69 -30.65
C VAL C 50 16.68 -1.71 -30.73
N VAL C 51 16.62 -0.71 -29.86
CA VAL C 51 17.79 0.12 -29.49
C VAL C 51 18.35 -0.41 -28.18
N ILE C 52 19.59 -0.85 -28.25
CA ILE C 52 20.36 -1.40 -27.11
C ILE C 52 21.18 -0.25 -26.52
N HIS C 53 20.70 0.36 -25.46
CA HIS C 53 21.47 1.41 -24.80
C HIS C 53 22.53 0.80 -23.89
N TYR C 54 23.67 1.47 -23.81
CA TYR C 54 24.76 1.08 -22.90
C TYR C 54 25.50 2.32 -22.47
N HIS C 55 26.22 2.20 -21.37
CA HIS C 55 27.12 3.24 -20.84
C HIS C 55 28.55 2.78 -21.03
N ASN C 56 28.96 1.79 -20.24
CA ASN C 56 30.35 1.26 -20.31
C ASN C 56 30.46 0.00 -21.17
N SER C 57 29.36 -0.73 -21.40
CA SER C 57 29.47 -2.10 -21.96
C SER C 57 29.33 -2.08 -23.49
N ALA C 58 30.20 -1.36 -24.18
CA ALA C 58 30.11 -1.26 -25.66
C ALA C 58 30.29 -2.63 -26.31
N GLU C 59 31.29 -3.39 -25.89
CA GLU C 59 31.58 -4.69 -26.55
C GLU C 59 30.35 -5.60 -26.44
N ALA C 60 29.76 -5.68 -25.24
CA ALA C 60 28.61 -6.56 -25.00
C ALA C 60 27.39 -6.03 -25.76
N ALA C 61 27.21 -4.70 -25.84
CA ALA C 61 26.07 -4.13 -26.57
C ALA C 61 26.18 -4.52 -28.04
N VAL C 62 27.36 -4.34 -28.62
CA VAL C 62 27.56 -4.64 -30.05
C VAL C 62 27.43 -6.15 -30.27
N SER C 63 27.94 -6.98 -29.36
CA SER C 63 27.81 -8.46 -29.53
CA SER C 63 27.80 -8.45 -29.50
C SER C 63 26.32 -8.84 -29.53
N LEU C 64 25.52 -8.23 -28.67
CA LEU C 64 24.05 -8.50 -28.68
C LEU C 64 23.46 -8.05 -30.01
N ALA C 65 23.78 -6.83 -30.44
CA ALA C 65 23.22 -6.31 -31.70
C ALA C 65 23.61 -7.26 -32.85
N ASP C 66 24.84 -7.72 -32.87
CA ASP C 66 25.33 -8.64 -33.94
C ASP C 66 24.45 -9.90 -33.93
N GLU C 67 24.17 -10.45 -32.75
CA GLU C 67 23.35 -11.68 -32.64
C GLU C 67 21.95 -11.42 -33.20
N LEU C 68 21.34 -10.32 -32.81
CA LEU C 68 19.96 -10.02 -33.22
C LEU C 68 19.89 -9.71 -34.73
N ASN C 69 20.88 -8.99 -35.25
CA ASN C 69 20.93 -8.63 -36.68
C ASN C 69 21.20 -9.87 -37.53
N LYS C 70 21.90 -10.87 -36.98
CA LYS C 70 22.11 -12.15 -37.69
C LYS C 70 20.74 -12.83 -37.87
N GLU C 71 19.86 -12.73 -36.88
CA GLU C 71 18.50 -13.33 -36.97
C GLU C 71 17.67 -12.54 -38.00
N ARG C 72 17.66 -11.21 -37.91
CA ARG C 72 16.88 -10.35 -38.84
C ARG C 72 17.72 -9.09 -39.14
N SER C 73 18.14 -8.89 -40.38
CA SER C 73 19.06 -7.79 -40.73
CA SER C 73 19.06 -7.79 -40.73
C SER C 73 18.46 -6.42 -40.33
N ASN C 74 19.30 -5.54 -39.80
CA ASN C 74 18.96 -4.12 -39.54
C ASN C 74 17.77 -4.00 -38.59
N THR C 75 17.74 -4.84 -37.56
CA THR C 75 16.67 -4.78 -36.54
C THR C 75 17.21 -4.44 -35.16
N ALA C 76 18.51 -4.20 -35.00
CA ALA C 76 19.09 -3.84 -33.70
C ALA C 76 20.17 -2.79 -33.94
N VAL C 77 20.13 -1.74 -33.16
CA VAL C 77 21.19 -0.72 -33.12
C VAL C 77 21.60 -0.50 -31.67
N VAL C 78 22.76 0.10 -31.47
CA VAL C 78 23.22 0.45 -30.13
C VAL C 78 23.21 1.97 -29.95
N CYS C 79 23.18 2.41 -28.71
CA CYS C 79 23.21 3.85 -28.38
C CYS C 79 23.91 4.05 -27.06
N GLN C 80 25.00 4.81 -27.05
CA GLN C 80 25.78 5.07 -25.84
C GLN C 80 25.21 6.29 -25.11
N ALA C 81 25.07 6.18 -23.79
CA ALA C 81 24.80 7.36 -22.96
C ALA C 81 25.09 7.08 -21.50
N ASP C 82 25.68 8.07 -20.84
CA ASP C 82 25.73 8.11 -19.37
C ASP C 82 24.38 8.63 -18.88
N LEU C 83 23.74 7.90 -17.96
CA LEU C 83 22.43 8.30 -17.41
C LEU C 83 22.55 8.87 -16.00
N THR C 84 23.77 9.19 -15.58
CA THR C 84 24.01 10.00 -14.36
C THR C 84 23.35 11.36 -14.54
N ASN C 85 22.73 11.90 -13.51
CA ASN C 85 22.18 13.26 -13.64
C ASN C 85 23.29 14.28 -13.83
N SER C 86 23.06 15.24 -14.72
CA SER C 86 23.99 16.35 -14.99
C SER C 86 23.25 17.36 -15.86
N ASN C 87 23.92 18.45 -16.17
CA ASN C 87 23.40 19.47 -17.08
C ASN C 87 23.10 18.90 -18.49
N VAL C 88 23.79 17.83 -18.89
CA VAL C 88 23.62 17.28 -20.26
C VAL C 88 22.66 16.08 -20.28
N LEU C 89 22.17 15.63 -19.13
CA LEU C 89 21.33 14.41 -19.16
C LEU C 89 20.09 14.61 -20.02
N PRO C 90 19.38 15.75 -19.98
CA PRO C 90 18.20 15.88 -20.85
C PRO C 90 18.53 15.65 -22.34
N ALA C 91 19.63 16.22 -22.80
CA ALA C 91 20.05 16.05 -24.21
C ALA C 91 20.41 14.59 -24.48
N SER C 92 21.07 13.93 -23.54
CA SER C 92 21.43 12.50 -23.71
C SER C 92 20.16 11.65 -23.87
N CYS C 93 19.17 11.94 -23.05
CA CYS C 93 17.90 11.16 -23.08
C CYS C 93 17.14 11.45 -24.37
N GLU C 94 17.12 12.70 -24.80
CA GLU C 94 16.47 13.04 -26.09
C GLU C 94 17.18 12.26 -27.21
N GLU C 95 18.50 12.13 -27.15
CA GLU C 95 19.26 11.40 -28.21
C GLU C 95 18.92 9.92 -28.20
N ILE C 96 18.73 9.31 -27.03
CA ILE C 96 18.38 7.87 -27.00
C ILE C 96 17.06 7.68 -27.76
N ILE C 97 16.05 8.49 -27.44
CA ILE C 97 14.75 8.36 -28.13
C ILE C 97 14.92 8.69 -29.60
N ASN C 98 15.66 9.73 -29.91
CA ASN C 98 15.85 10.12 -31.32
C ASN C 98 16.53 8.98 -32.09
N SER C 99 17.43 8.23 -31.45
CA SER C 99 18.16 7.14 -32.12
CA SER C 99 18.16 7.15 -32.14
C SER C 99 17.17 6.07 -32.60
N CYS C 100 16.11 5.84 -31.83
CA CYS C 100 15.08 4.86 -32.22
C CYS C 100 14.31 5.36 -33.45
N PHE C 101 13.89 6.61 -33.43
CA PHE C 101 13.19 7.20 -34.59
C PHE C 101 14.10 7.20 -35.82
N ARG C 102 15.37 7.51 -35.65
CA ARG C 102 16.29 7.57 -36.80
CA ARG C 102 16.34 7.58 -36.78
C ARG C 102 16.48 6.19 -37.40
N ALA C 103 16.66 5.17 -36.57
CA ALA C 103 16.92 3.80 -37.06
C ALA C 103 15.65 3.19 -37.66
N PHE C 104 14.51 3.39 -37.01
CA PHE C 104 13.34 2.54 -37.26
C PHE C 104 12.09 3.35 -37.64
N GLY C 105 12.12 4.68 -37.54
CA GLY C 105 11.00 5.55 -37.97
C GLY C 105 9.89 5.66 -36.95
N ARG C 106 10.05 5.06 -35.77
CA ARG C 106 8.99 5.00 -34.76
C ARG C 106 9.65 4.58 -33.45
N CYS C 107 8.94 4.77 -32.36
CA CYS C 107 9.36 4.28 -31.03
C CYS C 107 8.10 3.94 -30.25
N ASP C 108 7.81 2.66 -30.14
CA ASP C 108 6.55 2.19 -29.55
C ASP C 108 6.69 1.87 -28.07
N VAL C 109 7.87 1.45 -27.65
CA VAL C 109 8.11 0.94 -26.29
C VAL C 109 9.39 1.54 -25.76
N LEU C 110 9.33 1.97 -24.49
CA LEU C 110 10.52 2.38 -23.72
C LEU C 110 10.57 1.50 -22.50
N VAL C 111 11.70 0.84 -22.27
CA VAL C 111 11.95 0.07 -21.05
C VAL C 111 13.07 0.74 -20.27
N ASN C 112 12.72 1.30 -19.11
CA ASN C 112 13.67 1.95 -18.21
C ASN C 112 14.23 0.88 -17.28
N ASN C 113 15.33 0.27 -17.70
CA ASN C 113 15.99 -0.84 -17.00
C ASN C 113 17.31 -0.44 -16.34
N ALA C 114 18.06 0.47 -16.94
CA ALA C 114 19.41 0.83 -16.43
C ALA C 114 19.29 1.29 -14.98
N SER C 115 20.25 0.92 -14.16
CA SER C 115 20.16 1.25 -12.71
CA SER C 115 20.18 1.34 -12.73
C SER C 115 21.51 1.12 -12.02
N ALA C 116 21.89 2.12 -11.25
CA ALA C 116 22.99 2.02 -10.31
C ALA C 116 22.47 1.47 -8.99
N PHE C 117 23.32 0.74 -8.27
CA PHE C 117 22.92 0.03 -7.03
C PHE C 117 24.14 -0.16 -6.16
N TYR C 118 24.17 0.53 -5.03
CA TYR C 118 25.26 0.40 -4.04
C TYR C 118 24.80 1.11 -2.77
N PRO C 119 25.41 0.77 -1.62
CA PRO C 119 24.98 1.36 -0.35
C PRO C 119 25.47 2.79 -0.19
N THR C 120 24.69 3.54 0.57
CA THR C 120 24.99 4.95 0.95
C THR C 120 24.63 5.12 2.41
N PRO C 121 25.50 4.67 3.35
CA PRO C 121 25.14 4.71 4.76
C PRO C 121 24.86 6.14 5.23
N LEU C 122 23.90 6.29 6.14
CA LEU C 122 23.58 7.61 6.71
C LEU C 122 24.62 8.05 7.73
N VAL C 123 25.28 7.11 8.41
CA VAL C 123 26.30 7.44 9.43
C VAL C 123 27.64 6.83 9.03
N GLN C 124 28.73 7.56 9.24
CA GLN C 124 30.12 7.18 8.90
C GLN C 124 30.95 7.13 10.18
N LYS C 134 33.52 8.16 -3.81
CA LYS C 134 32.55 9.10 -4.45
C LYS C 134 32.01 10.07 -3.42
N THR C 135 31.84 11.34 -3.79
CA THR C 135 31.13 12.29 -2.91
C THR C 135 29.66 11.89 -2.82
N VAL C 136 29.01 12.35 -1.78
CA VAL C 136 27.56 12.03 -1.62
CA VAL C 136 27.56 12.06 -1.60
C VAL C 136 26.80 12.65 -2.80
N GLU C 137 27.17 13.82 -3.29
CA GLU C 137 26.43 14.40 -4.42
C GLU C 137 26.68 13.61 -5.72
N THR C 138 27.83 12.99 -5.88
CA THR C 138 28.03 12.06 -7.02
C THR C 138 27.10 10.85 -6.87
N GLN C 139 26.98 10.34 -5.64
CA GLN C 139 26.05 9.22 -5.37
C GLN C 139 24.61 9.62 -5.66
N VAL C 140 24.22 10.82 -5.29
CA VAL C 140 22.88 11.33 -5.65
C VAL C 140 22.73 11.32 -7.17
N ALA C 141 23.68 11.89 -7.87
CA ALA C 141 23.59 12.02 -9.34
C ALA C 141 23.45 10.63 -9.96
N GLU C 142 24.19 9.67 -9.46
CA GLU C 142 24.19 8.34 -10.09
C GLU C 142 22.95 7.57 -9.69
N LEU C 143 22.65 7.50 -8.39
CA LEU C 143 21.56 6.63 -7.89
C LEU C 143 20.21 7.26 -8.26
N ILE C 144 20.02 8.53 -7.94
CA ILE C 144 18.74 9.20 -8.27
C ILE C 144 18.69 9.47 -9.77
N GLY C 145 19.80 9.79 -10.43
CA GLY C 145 19.78 9.99 -11.89
C GLY C 145 19.42 8.76 -12.66
N THR C 146 20.12 7.67 -12.49
CA THR C 146 19.85 6.44 -13.29
CA THR C 146 19.84 6.44 -13.29
C THR C 146 18.46 5.90 -12.96
N ASN C 147 18.10 5.87 -11.67
CA ASN C 147 16.88 5.11 -11.28
CA ASN C 147 16.91 5.10 -11.26
C ASN C 147 15.65 5.96 -11.42
N ALA C 148 15.78 7.30 -11.48
CA ALA C 148 14.56 8.13 -11.45
C ALA C 148 14.61 9.27 -12.47
N ILE C 149 15.65 10.09 -12.47
CA ILE C 149 15.64 11.30 -13.32
C ILE C 149 15.76 10.90 -14.80
N ALA C 150 16.66 9.97 -15.13
CA ALA C 150 16.78 9.55 -16.54
C ALA C 150 15.45 8.94 -17.00
N PRO C 151 14.82 8.02 -16.22
CA PRO C 151 13.49 7.55 -16.62
C PRO C 151 12.49 8.68 -16.89
N PHE C 152 12.49 9.70 -16.03
CA PHE C 152 11.60 10.87 -16.22
C PHE C 152 11.90 11.57 -17.54
N LEU C 153 13.17 11.86 -17.80
CA LEU C 153 13.55 12.60 -19.02
C LEU C 153 13.29 11.75 -20.27
N LEU C 154 13.57 10.46 -20.19
CA LEU C 154 13.26 9.54 -21.30
C LEU C 154 11.77 9.50 -21.55
N THR C 155 10.97 9.49 -20.48
CA THR C 155 9.52 9.48 -20.59
C THR C 155 9.05 10.76 -21.29
N MET C 156 9.59 11.90 -20.88
CA MET C 156 9.26 13.19 -21.52
CA MET C 156 9.26 13.19 -21.52
C MET C 156 9.59 13.11 -23.02
N SER C 157 10.79 12.68 -23.35
CA SER C 157 11.22 12.67 -24.76
C SER C 157 10.37 11.67 -25.56
N PHE C 158 10.11 10.51 -24.99
CA PHE C 158 9.25 9.49 -25.65
C PHE C 158 7.89 10.08 -25.97
N ALA C 159 7.27 10.71 -24.99
CA ALA C 159 5.90 11.24 -25.16
C ALA C 159 5.91 12.40 -26.16
N GLN C 160 6.89 13.28 -26.06
CA GLN C 160 6.93 14.50 -26.91
C GLN C 160 7.07 14.08 -28.39
N ARG C 161 7.80 13.00 -28.66
CA ARG C 161 8.13 12.60 -30.05
C ARG C 161 6.96 11.85 -30.68
N GLN C 162 5.93 11.46 -29.93
CA GLN C 162 4.76 10.73 -30.52
C GLN C 162 3.83 11.73 -31.22
N SER C 172 -2.27 2.02 -32.69
CA SER C 172 -0.96 1.96 -31.99
C SER C 172 -1.07 1.21 -30.65
N ASN C 173 0.07 0.78 -30.13
CA ASN C 173 0.18 0.17 -28.78
C ASN C 173 1.45 0.70 -28.11
N LEU C 174 1.38 1.93 -27.65
CA LEU C 174 2.55 2.61 -27.07
C LEU C 174 2.60 2.32 -25.58
N SER C 175 3.76 1.99 -25.07
CA SER C 175 3.87 1.85 -23.61
C SER C 175 5.31 2.01 -23.13
N ILE C 176 5.36 2.27 -21.84
CA ILE C 176 6.61 2.40 -21.07
C ILE C 176 6.58 1.37 -19.97
N VAL C 177 7.70 0.69 -19.73
CA VAL C 177 7.84 -0.25 -18.60
C VAL C 177 9.04 0.18 -17.79
N ASN C 178 8.82 0.42 -16.51
CA ASN C 178 9.86 0.81 -15.58
C ASN C 178 10.25 -0.37 -14.70
N LEU C 179 11.54 -0.62 -14.56
CA LEU C 179 12.05 -1.71 -13.71
C LEU C 179 12.14 -1.19 -12.29
N CYS C 180 11.24 -1.66 -11.46
CA CYS C 180 11.01 -1.22 -10.09
C CYS C 180 11.74 -2.18 -9.14
N ASP C 181 11.30 -2.26 -7.92
CA ASP C 181 11.93 -3.14 -6.91
CA ASP C 181 11.94 -3.12 -6.89
C ASP C 181 10.84 -3.65 -5.98
N ALA C 182 10.67 -4.96 -5.93
CA ALA C 182 9.59 -5.55 -5.10
C ALA C 182 9.81 -5.27 -3.61
N MET C 183 11.04 -4.96 -3.20
CA MET C 183 11.37 -4.74 -1.78
C MET C 183 11.38 -3.25 -1.47
N VAL C 184 10.70 -2.43 -2.26
CA VAL C 184 10.81 -0.96 -2.07
C VAL C 184 10.30 -0.53 -0.69
N ASP C 185 9.38 -1.25 -0.07
CA ASP C 185 8.87 -0.89 1.28
C ASP C 185 9.46 -1.77 2.39
N GLN C 186 10.46 -2.60 2.09
CA GLN C 186 11.24 -3.33 3.11
C GLN C 186 12.69 -3.23 2.68
N PRO C 187 13.26 -2.02 2.78
CA PRO C 187 14.51 -1.75 2.08
C PRO C 187 15.73 -2.43 2.71
N CYS C 188 16.75 -2.61 1.88
CA CYS C 188 18.08 -3.10 2.29
C CYS C 188 18.68 -2.06 3.25
N MET C 189 19.29 -2.52 4.34
CA MET C 189 19.99 -1.66 5.32
C MET C 189 21.07 -0.85 4.61
N ALA C 190 21.08 0.46 4.81
CA ALA C 190 22.13 1.39 4.34
C ALA C 190 22.03 1.65 2.84
N PHE C 191 20.88 1.42 2.23
CA PHE C 191 20.62 1.69 0.81
C PHE C 191 19.65 2.85 0.65
N SER C 192 19.76 3.90 1.45
CA SER C 192 18.77 5.01 1.43
CA SER C 192 18.72 4.95 1.43
C SER C 192 18.61 5.61 0.04
N LEU C 193 19.71 6.03 -0.59
CA LEU C 193 19.57 6.75 -1.87
C LEU C 193 19.03 5.83 -2.96
N TYR C 194 19.49 4.60 -3.01
CA TYR C 194 18.91 3.63 -3.95
C TYR C 194 17.42 3.51 -3.72
N ASN C 195 17.02 3.31 -2.47
CA ASN C 195 15.59 3.12 -2.15
C ASN C 195 14.79 4.38 -2.50
N MET C 196 15.35 5.55 -2.22
CA MET C 196 14.69 6.81 -2.59
C MET C 196 14.46 6.86 -4.10
N GLY C 197 15.47 6.48 -4.86
CA GLY C 197 15.34 6.48 -6.32
C GLY C 197 14.28 5.52 -6.81
N LYS C 198 14.24 4.31 -6.25
CA LYS C 198 13.21 3.33 -6.67
C LYS C 198 11.81 3.80 -6.22
N HIS C 199 11.68 4.44 -5.08
CA HIS C 199 10.38 5.03 -4.68
CA HIS C 199 10.37 5.01 -4.68
C HIS C 199 9.99 6.11 -5.68
N ALA C 200 10.93 6.98 -6.03
CA ALA C 200 10.65 8.03 -7.03
C ALA C 200 10.17 7.38 -8.33
N LEU C 201 10.75 6.26 -8.71
CA LEU C 201 10.34 5.59 -9.97
C LEU C 201 8.91 5.07 -9.87
N VAL C 202 8.46 4.62 -8.69
CA VAL C 202 7.03 4.28 -8.51
C VAL C 202 6.18 5.51 -8.76
N GLY C 203 6.58 6.64 -8.18
CA GLY C 203 5.85 7.90 -8.37
C GLY C 203 5.79 8.29 -9.84
N LEU C 204 6.90 8.17 -10.55
CA LEU C 204 6.91 8.47 -12.00
C LEU C 204 5.94 7.55 -12.72
N THR C 205 6.01 6.27 -12.41
CA THR C 205 5.16 5.28 -13.11
C THR C 205 3.69 5.71 -13.00
N GLN C 206 3.29 6.04 -11.79
CA GLN C 206 1.89 6.41 -11.54
C GLN C 206 1.53 7.77 -12.13
N SER C 207 2.40 8.76 -11.93
CA SER C 207 2.17 10.11 -12.46
C SER C 207 2.09 10.07 -13.98
N ALA C 208 3.03 9.39 -14.61
CA ALA C 208 3.07 9.32 -16.07
C ALA C 208 1.91 8.48 -16.60
N ALA C 209 1.51 7.44 -15.92
CA ALA C 209 0.32 6.67 -16.36
C ALA C 209 -0.88 7.62 -16.45
N LEU C 210 -1.07 8.43 -15.45
CA LEU C 210 -2.22 9.38 -15.40
CA LEU C 210 -2.23 9.35 -15.45
C LEU C 210 -2.09 10.39 -16.54
N GLU C 211 -0.94 11.02 -16.64
CA GLU C 211 -0.76 12.17 -17.55
C GLU C 211 -0.72 11.74 -19.01
N LEU C 212 -0.21 10.54 -19.28
CA LEU C 212 -0.03 10.10 -20.67
C LEU C 212 -1.19 9.23 -21.15
N ALA C 213 -2.11 8.85 -20.28
CA ALA C 213 -3.30 8.09 -20.69
C ALA C 213 -4.04 8.78 -21.84
N PRO C 214 -4.24 10.12 -21.85
CA PRO C 214 -4.96 10.74 -22.97
C PRO C 214 -4.27 10.57 -24.32
N TYR C 215 -2.97 10.30 -24.31
CA TYR C 215 -2.16 10.09 -25.54
C TYR C 215 -2.12 8.62 -25.91
N GLY C 216 -2.81 7.75 -25.14
CA GLY C 216 -2.81 6.30 -25.40
C GLY C 216 -1.47 5.67 -25.06
N ILE C 217 -0.68 6.28 -24.19
CA ILE C 217 0.60 5.68 -23.75
C ILE C 217 0.36 5.08 -22.37
N ARG C 218 0.53 3.77 -22.26
CA ARG C 218 0.42 3.08 -20.97
C ARG C 218 1.77 3.10 -20.27
N VAL C 219 1.75 3.16 -18.96
CA VAL C 219 3.02 3.23 -18.17
C VAL C 219 2.87 2.26 -17.01
N ASN C 220 3.73 1.26 -16.98
CA ASN C 220 3.63 0.19 -15.99
C ASN C 220 5.02 -0.12 -15.44
N GLY C 221 5.05 -0.99 -14.45
CA GLY C 221 6.31 -1.44 -13.86
C GLY C 221 6.38 -2.94 -13.72
N VAL C 222 7.61 -3.43 -13.70
CA VAL C 222 7.93 -4.81 -13.29
C VAL C 222 8.91 -4.71 -12.14
N ALA C 223 8.59 -5.39 -11.04
CA ALA C 223 9.35 -5.25 -9.79
C ALA C 223 9.98 -6.59 -9.44
N PRO C 224 11.26 -6.80 -9.83
CA PRO C 224 11.95 -8.00 -9.40
C PRO C 224 12.18 -7.97 -7.88
N GLY C 225 12.30 -9.16 -7.31
CA GLY C 225 12.72 -9.32 -5.90
C GLY C 225 14.18 -9.63 -5.86
N VAL C 226 14.49 -10.92 -5.78
CA VAL C 226 15.86 -11.40 -6.06
C VAL C 226 15.86 -11.97 -7.46
N SER C 227 16.60 -11.33 -8.35
CA SER C 227 16.88 -11.86 -9.69
C SER C 227 18.40 -12.07 -9.78
N LEU C 228 19.00 -11.76 -10.91
CA LEU C 228 20.41 -12.13 -11.11
C LEU C 228 21.27 -11.48 -10.03
N LEU C 229 22.07 -12.30 -9.37
CA LEU C 229 23.02 -11.81 -8.35
C LEU C 229 24.30 -11.39 -9.06
N PRO C 230 25.17 -10.59 -8.41
CA PRO C 230 26.40 -10.14 -9.05
C PRO C 230 27.36 -11.31 -9.31
N GLU C 235 29.11 -17.70 -3.65
CA GLU C 235 28.00 -18.69 -3.63
C GLU C 235 27.32 -18.66 -2.26
N GLU C 236 28.06 -18.55 -1.16
CA GLU C 236 27.45 -18.59 0.20
C GLU C 236 26.49 -17.40 0.34
N GLU C 237 26.92 -16.23 -0.10
CA GLU C 237 26.09 -14.99 -0.02
C GLU C 237 24.92 -15.13 -0.99
N LYS C 238 25.17 -15.63 -2.20
CA LYS C 238 24.08 -15.83 -3.19
C LYS C 238 23.02 -16.74 -2.56
N ASP C 239 23.46 -17.81 -1.91
CA ASP C 239 22.53 -18.82 -1.34
C ASP C 239 21.71 -18.19 -0.21
N LYS C 240 22.29 -17.26 0.56
CA LYS C 240 21.53 -16.56 1.62
C LYS C 240 20.34 -15.82 0.97
N TRP C 241 20.58 -15.17 -0.16
CA TRP C 241 19.49 -14.45 -0.89
C TRP C 241 18.49 -15.46 -1.44
N ARG C 242 18.95 -16.54 -2.05
CA ARG C 242 18.05 -17.56 -2.66
C ARG C 242 17.11 -18.15 -1.61
N ARG C 243 17.63 -18.44 -0.42
CA ARG C 243 16.92 -19.29 0.56
C ARG C 243 15.63 -18.63 1.09
N LYS C 244 15.49 -17.30 0.99
CA LYS C 244 14.33 -16.59 1.58
C LYS C 244 13.06 -16.81 0.72
N VAL C 245 13.22 -17.23 -0.54
CA VAL C 245 12.17 -17.09 -1.58
C VAL C 245 11.15 -18.22 -1.49
N PRO C 246 9.86 -17.93 -1.23
CA PRO C 246 8.86 -19.00 -1.14
C PRO C 246 8.80 -19.93 -2.35
N LEU C 247 8.88 -19.37 -3.55
N LEU C 247 8.81 -19.36 -3.54
CA LEU C 247 8.95 -20.19 -4.79
CA LEU C 247 8.66 -20.15 -4.78
C LEU C 247 10.37 -20.63 -5.15
C LEU C 247 10.03 -20.64 -5.21
N GLY C 248 11.26 -20.73 -4.16
N GLY C 248 10.45 -21.80 -4.70
CA GLY C 248 12.71 -20.91 -4.39
CA GLY C 248 11.61 -22.52 -5.27
C GLY C 248 13.10 -22.24 -5.02
C GLY C 248 12.93 -22.17 -4.58
N ARG C 249 12.22 -23.24 -5.00
N ARG C 249 12.94 -21.22 -3.64
CA ARG C 249 12.48 -24.49 -5.79
CA ARG C 249 14.17 -20.86 -2.92
C ARG C 249 12.79 -24.10 -7.23
C ARG C 249 15.30 -20.63 -3.93
N ARG C 250 12.19 -23.02 -7.74
N ARG C 250 15.01 -19.86 -4.98
CA ARG C 250 12.43 -22.52 -9.11
CA ARG C 250 15.99 -19.51 -6.04
C ARG C 250 13.49 -21.41 -9.09
C ARG C 250 15.62 -18.14 -6.57
N GLU C 251 14.46 -21.55 -9.99
N GLU C 251 16.58 -17.47 -7.21
CA GLU C 251 15.57 -20.59 -10.13
CA GLU C 251 16.38 -16.11 -7.80
C GLU C 251 15.06 -19.23 -10.60
C GLU C 251 15.62 -16.26 -9.13
N ALA C 252 15.46 -18.14 -9.96
N ALA C 252 14.95 -15.18 -9.56
CA ALA C 252 15.16 -16.80 -10.49
CA ALA C 252 14.31 -15.10 -10.89
C ALA C 252 15.96 -16.58 -11.78
C ALA C 252 15.42 -15.14 -11.94
N SER C 253 15.34 -15.93 -12.77
N SER C 253 15.24 -15.97 -12.95
CA SER C 253 16.00 -15.71 -14.08
CA SER C 253 16.03 -15.79 -14.18
C SER C 253 15.65 -14.35 -14.70
C SER C 253 15.65 -14.44 -14.76
N ALA C 254 16.56 -13.85 -15.52
CA ALA C 254 16.29 -12.61 -16.25
C ALA C 254 15.12 -12.85 -17.20
N GLU C 255 14.98 -14.05 -17.74
CA GLU C 255 13.88 -14.34 -18.68
C GLU C 255 12.52 -14.22 -17.98
N GLN C 256 12.41 -14.58 -16.71
CA GLN C 256 11.12 -14.44 -16.01
C GLN C 256 10.76 -12.97 -15.89
N ILE C 257 11.74 -12.11 -15.65
CA ILE C 257 11.48 -10.65 -15.60
C ILE C 257 11.05 -10.21 -17.00
N ALA C 258 11.77 -10.63 -18.02
CA ALA C 258 11.43 -10.24 -19.39
C ALA C 258 10.02 -10.71 -19.78
N ASP C 259 9.59 -11.88 -19.31
CA ASP C 259 8.24 -12.37 -19.62
C ASP C 259 7.19 -11.38 -19.14
N ALA C 260 7.39 -10.76 -17.96
CA ALA C 260 6.40 -9.80 -17.46
C ALA C 260 6.42 -8.52 -18.30
N VAL C 261 7.60 -8.10 -18.76
CA VAL C 261 7.70 -6.95 -19.67
C VAL C 261 6.94 -7.25 -20.96
N ILE C 262 7.15 -8.44 -21.54
CA ILE C 262 6.46 -8.83 -22.80
C ILE C 262 4.95 -8.77 -22.60
N PHE C 263 4.45 -9.27 -21.49
CA PHE C 263 3.00 -9.20 -21.22
C PHE C 263 2.55 -7.74 -21.22
N LEU C 264 3.25 -6.89 -20.50
CA LEU C 264 2.80 -5.49 -20.30
C LEU C 264 2.82 -4.71 -21.60
N VAL C 265 3.72 -5.00 -22.52
CA VAL C 265 3.75 -4.24 -23.79
C VAL C 265 2.80 -4.84 -24.82
N SER C 266 2.27 -6.03 -24.56
CA SER C 266 1.41 -6.76 -25.50
C SER C 266 -0.01 -6.21 -25.55
N GLY C 267 -0.74 -6.67 -26.55
CA GLY C 267 -2.17 -6.41 -26.66
C GLY C 267 -2.99 -7.03 -25.54
N SER C 268 -2.44 -8.02 -24.86
CA SER C 268 -3.11 -8.68 -23.70
C SER C 268 -3.11 -7.78 -22.46
N ALA C 269 -2.46 -6.62 -22.53
CA ALA C 269 -2.38 -5.64 -21.41
C ALA C 269 -2.90 -4.28 -21.83
N GLN C 270 -3.73 -4.20 -22.87
CA GLN C 270 -4.16 -2.92 -23.44
C GLN C 270 -4.98 -2.05 -22.47
N TYR C 271 -5.55 -2.60 -21.41
CA TYR C 271 -6.30 -1.78 -20.43
C TYR C 271 -5.46 -1.54 -19.16
N ILE C 272 -4.24 -2.03 -19.12
CA ILE C 272 -3.38 -1.98 -17.92
C ILE C 272 -2.48 -0.74 -18.01
N THR C 273 -2.64 0.18 -17.06
CA THR C 273 -1.72 1.31 -16.92
C THR C 273 -1.64 1.66 -15.45
N GLY C 274 -0.45 2.08 -15.04
CA GLY C 274 -0.19 2.40 -13.64
C GLY C 274 0.00 1.19 -12.74
N SER C 275 0.14 0.01 -13.32
CA SER C 275 0.27 -1.24 -12.55
C SER C 275 1.73 -1.64 -12.43
N ILE C 276 2.12 -2.12 -11.27
CA ILE C 276 3.48 -2.64 -11.04
C ILE C 276 3.33 -4.11 -10.67
N ILE C 277 3.85 -4.98 -11.53
CA ILE C 277 3.78 -6.44 -11.35
C ILE C 277 5.02 -6.89 -10.60
N LYS C 278 4.84 -7.41 -9.40
CA LYS C 278 5.96 -8.05 -8.70
C LYS C 278 6.26 -9.40 -9.31
N VAL C 279 7.55 -9.64 -9.57
CA VAL C 279 8.06 -10.93 -10.08
C VAL C 279 9.15 -11.33 -9.10
N ASP C 280 8.72 -11.85 -7.96
CA ASP C 280 9.60 -11.96 -6.79
C ASP C 280 9.48 -13.31 -6.09
N GLY C 281 8.77 -14.26 -6.65
CA GLY C 281 8.64 -15.58 -6.02
C GLY C 281 8.01 -15.54 -4.65
N GLY C 282 7.32 -14.45 -4.31
CA GLY C 282 6.69 -14.30 -3.00
C GLY C 282 7.57 -13.62 -1.97
N LEU C 283 8.79 -13.21 -2.32
CA LEU C 283 9.74 -12.74 -1.29
C LEU C 283 9.21 -11.55 -0.48
N SER C 284 8.52 -10.62 -1.12
CA SER C 284 8.02 -9.39 -0.44
C SER C 284 6.98 -9.71 0.61
N LEU C 285 6.41 -10.92 0.58
CA LEU C 285 5.37 -11.23 1.59
CA LEU C 285 5.36 -11.40 1.51
C LEU C 285 5.98 -11.92 2.81
N VAL C 286 7.27 -12.17 2.82
CA VAL C 286 7.91 -12.92 3.94
C VAL C 286 8.31 -11.97 5.06
N HIS C 287 7.80 -12.19 6.26
CA HIS C 287 8.14 -11.32 7.41
C HIS C 287 9.57 -11.60 7.92
N ALA C 288 10.09 -10.63 8.69
CA ALA C 288 11.41 -10.69 9.34
C ALA C 288 11.52 -11.95 10.19
N GLU D 22 -1.93 -34.94 -20.66
CA GLU D 22 -3.30 -34.67 -21.16
C GLU D 22 -3.60 -33.17 -20.99
N ALA D 23 -4.82 -32.73 -21.30
CA ALA D 23 -5.20 -31.31 -21.16
C ALA D 23 -5.39 -30.96 -19.69
N PRO D 24 -4.91 -29.78 -19.24
CA PRO D 24 -5.14 -29.36 -17.86
C PRO D 24 -6.60 -28.98 -17.68
N ALA D 25 -7.01 -28.82 -16.42
CA ALA D 25 -8.41 -28.52 -16.07
C ALA D 25 -8.46 -27.34 -15.12
N ALA D 26 -9.51 -26.55 -15.26
CA ALA D 26 -9.72 -25.35 -14.44
C ALA D 26 -11.14 -25.32 -13.90
N VAL D 27 -11.28 -24.81 -12.70
CA VAL D 27 -12.57 -24.41 -12.10
C VAL D 27 -12.67 -22.90 -12.19
N VAL D 28 -13.78 -22.40 -12.71
CA VAL D 28 -14.09 -20.95 -12.67
C VAL D 28 -15.40 -20.78 -11.93
N THR D 29 -15.38 -20.05 -10.83
CA THR D 29 -16.64 -19.79 -10.11
C THR D 29 -17.40 -18.63 -10.76
N GLY D 30 -18.72 -18.72 -10.69
CA GLY D 30 -19.56 -17.69 -11.30
C GLY D 30 -19.26 -17.51 -12.78
N ALA D 31 -19.19 -18.60 -13.51
CA ALA D 31 -18.68 -18.62 -14.89
C ALA D 31 -19.78 -18.57 -15.94
N ALA D 32 -21.04 -18.45 -15.57
CA ALA D 32 -22.12 -18.49 -16.58
C ALA D 32 -22.17 -17.22 -17.42
N LYS D 33 -21.76 -16.10 -16.86
CA LYS D 33 -21.98 -14.80 -17.51
C LYS D 33 -20.77 -13.90 -17.30
N ARG D 34 -20.72 -12.84 -18.10
CA ARG D 34 -19.91 -11.66 -17.78
C ARG D 34 -18.43 -12.06 -17.65
N ILE D 35 -17.73 -11.58 -16.63
CA ILE D 35 -16.27 -11.80 -16.58
C ILE D 35 -15.94 -13.28 -16.40
N GLY D 36 -16.68 -13.99 -15.56
CA GLY D 36 -16.40 -15.41 -15.35
C GLY D 36 -16.55 -16.19 -16.65
N ARG D 37 -17.56 -15.87 -17.41
CA ARG D 37 -17.76 -16.53 -18.72
C ARG D 37 -16.55 -16.26 -19.63
N ALA D 38 -16.09 -15.02 -19.69
CA ALA D 38 -14.95 -14.71 -20.58
C ALA D 38 -13.70 -15.44 -20.12
N ILE D 39 -13.51 -15.56 -18.81
CA ILE D 39 -12.36 -16.32 -18.28
C ILE D 39 -12.47 -17.79 -18.68
N ALA D 40 -13.64 -18.39 -18.49
CA ALA D 40 -13.83 -19.80 -18.88
C ALA D 40 -13.56 -19.99 -20.39
N VAL D 41 -14.10 -19.09 -21.20
CA VAL D 41 -13.89 -19.18 -22.66
C VAL D 41 -12.40 -19.09 -22.98
N LYS D 42 -11.69 -18.11 -22.43
CA LYS D 42 -10.27 -17.94 -22.79
CA LYS D 42 -10.26 -17.94 -22.79
C LYS D 42 -9.44 -19.12 -22.27
N LEU D 43 -9.75 -19.63 -21.07
CA LEU D 43 -9.02 -20.83 -20.61
C LEU D 43 -9.29 -21.98 -21.58
N HIS D 44 -10.52 -22.16 -21.99
CA HIS D 44 -10.88 -23.25 -22.93
C HIS D 44 -10.11 -23.07 -24.24
N GLN D 45 -10.03 -21.84 -24.74
CA GLN D 45 -9.32 -21.56 -26.00
C GLN D 45 -7.82 -21.84 -25.84
N THR D 46 -7.28 -21.71 -24.64
CA THR D 46 -5.88 -21.97 -24.30
C THR D 46 -5.62 -23.48 -24.17
N GLY D 47 -6.67 -24.30 -24.12
CA GLY D 47 -6.52 -25.76 -24.06
C GLY D 47 -6.98 -26.38 -22.76
N TYR D 48 -7.53 -25.61 -21.83
CA TYR D 48 -8.06 -26.18 -20.58
C TYR D 48 -9.43 -26.83 -20.81
N ARG D 49 -9.66 -27.87 -20.03
CA ARG D 49 -11.03 -28.37 -19.73
C ARG D 49 -11.55 -27.52 -18.57
N VAL D 50 -12.84 -27.23 -18.56
CA VAL D 50 -13.37 -26.25 -17.57
CA VAL D 50 -13.39 -26.23 -17.61
C VAL D 50 -14.59 -26.79 -16.84
N VAL D 51 -14.61 -26.52 -15.54
CA VAL D 51 -15.82 -26.60 -14.70
C VAL D 51 -16.41 -25.19 -14.62
N ILE D 52 -17.61 -25.05 -15.14
CA ILE D 52 -18.40 -23.81 -15.14
C ILE D 52 -19.26 -23.86 -13.90
N HIS D 53 -18.81 -23.23 -12.82
CA HIS D 53 -19.65 -23.14 -11.61
C HIS D 53 -20.68 -22.03 -11.83
N TYR D 54 -21.87 -22.26 -11.29
CA TYR D 54 -22.93 -21.25 -11.31
C TYR D 54 -23.80 -21.44 -10.07
N HIS D 55 -24.60 -20.42 -9.79
CA HIS D 55 -25.56 -20.46 -8.67
C HIS D 55 -26.97 -20.47 -9.24
N ASN D 56 -27.44 -19.33 -9.74
CA ASN D 56 -28.81 -19.21 -10.30
C ASN D 56 -28.84 -19.31 -11.82
N SER D 57 -27.74 -19.08 -12.53
CA SER D 57 -27.78 -18.91 -14.01
C SER D 57 -27.62 -20.26 -14.71
N ALA D 58 -28.54 -21.18 -14.48
CA ALA D 58 -28.45 -22.56 -15.00
C ALA D 58 -28.48 -22.56 -16.53
N GLU D 59 -29.42 -21.84 -17.13
CA GLU D 59 -29.57 -21.85 -18.60
C GLU D 59 -28.29 -21.35 -19.25
N ALA D 60 -27.73 -20.26 -18.73
CA ALA D 60 -26.51 -19.65 -19.30
C ALA D 60 -25.34 -20.61 -19.09
N ALA D 61 -25.24 -21.28 -17.94
CA ALA D 61 -24.13 -22.19 -17.68
C ALA D 61 -24.18 -23.35 -18.66
N VAL D 62 -25.37 -23.92 -18.83
CA VAL D 62 -25.54 -25.11 -19.72
C VAL D 62 -25.28 -24.68 -21.17
N SER D 63 -25.74 -23.49 -21.57
CA SER D 63 -25.48 -22.99 -22.94
CA SER D 63 -25.49 -23.00 -22.95
CA SER D 63 -25.48 -22.99 -22.94
C SER D 63 -23.98 -22.82 -23.17
N LEU D 64 -23.25 -22.30 -22.19
CA LEU D 64 -21.79 -22.13 -22.34
C LEU D 64 -21.15 -23.51 -22.45
N ALA D 65 -21.51 -24.46 -21.59
CA ALA D 65 -20.91 -25.81 -21.65
C ALA D 65 -21.16 -26.40 -23.03
N ASP D 66 -22.36 -26.24 -23.52
CA ASP D 66 -22.74 -26.78 -24.86
CA ASP D 66 -22.75 -26.77 -24.86
C ASP D 66 -21.84 -26.15 -25.94
N GLU D 67 -21.61 -24.85 -25.87
CA GLU D 67 -20.76 -24.13 -26.86
C GLU D 67 -19.34 -24.68 -26.79
N LEU D 68 -18.79 -24.82 -25.59
CA LEU D 68 -17.39 -25.27 -25.45
C LEU D 68 -17.25 -26.74 -25.88
N ASN D 69 -18.22 -27.57 -25.53
CA ASN D 69 -18.18 -29.00 -25.90
C ASN D 69 -18.39 -29.17 -27.41
N LYS D 70 -19.08 -28.25 -28.07
CA LYS D 70 -19.20 -28.27 -29.55
C LYS D 70 -17.81 -28.08 -30.15
N GLU D 71 -16.99 -27.21 -29.56
CA GLU D 71 -15.61 -26.96 -30.05
CA GLU D 71 -15.60 -26.95 -30.04
C GLU D 71 -14.74 -28.21 -29.78
N ARG D 72 -14.79 -28.76 -28.57
CA ARG D 72 -14.01 -29.98 -28.22
C ARG D 72 -14.87 -30.84 -27.30
N SER D 73 -15.27 -32.04 -27.71
CA SER D 73 -16.19 -32.86 -26.89
CA SER D 73 -16.19 -32.88 -26.91
C SER D 73 -15.57 -33.17 -25.53
N ASN D 74 -16.39 -33.17 -24.49
CA ASN D 74 -16.00 -33.66 -23.14
C ASN D 74 -14.94 -32.74 -22.53
N THR D 75 -15.04 -31.44 -22.77
CA THR D 75 -14.07 -30.47 -22.21
C THR D 75 -14.75 -29.44 -21.30
N ALA D 76 -16.04 -29.54 -21.05
CA ALA D 76 -16.75 -28.57 -20.19
C ALA D 76 -17.85 -29.29 -19.44
N VAL D 77 -17.97 -28.98 -18.17
CA VAL D 77 -19.13 -29.43 -17.35
C VAL D 77 -19.59 -28.23 -16.53
N VAL D 78 -20.83 -28.29 -16.08
CA VAL D 78 -21.37 -27.30 -15.13
C VAL D 78 -21.40 -27.89 -13.72
N CYS D 79 -21.37 -27.01 -12.73
CA CYS D 79 -21.44 -27.41 -11.32
C CYS D 79 -22.19 -26.33 -10.58
N GLN D 80 -23.33 -26.68 -9.99
CA GLN D 80 -24.16 -25.70 -9.27
C GLN D 80 -23.75 -25.65 -7.81
N ALA D 81 -23.63 -24.45 -7.25
CA ALA D 81 -23.48 -24.29 -5.79
C ALA D 81 -23.78 -22.86 -5.36
N ASP D 82 -24.42 -22.75 -4.21
CA ASP D 82 -24.48 -21.49 -3.46
C ASP D 82 -23.19 -21.34 -2.67
N LEU D 83 -22.53 -20.19 -2.81
CA LEU D 83 -21.26 -19.88 -2.10
C LEU D 83 -21.47 -18.89 -0.96
N THR D 84 -22.72 -18.68 -0.56
CA THR D 84 -23.04 -17.96 0.70
CA THR D 84 -23.02 -17.95 0.70
C THR D 84 -22.41 -18.73 1.86
N ASN D 85 -21.90 -18.04 2.86
CA ASN D 85 -21.35 -18.76 4.02
C ASN D 85 -22.48 -19.46 4.78
N SER D 86 -22.17 -20.66 5.24
CA SER D 86 -23.05 -21.47 6.09
C SER D 86 -22.22 -22.64 6.60
N ASN D 87 -22.80 -23.44 7.47
CA ASN D 87 -22.08 -24.62 7.96
C ASN D 87 -21.88 -25.68 6.89
N VAL D 88 -22.55 -25.60 5.75
CA VAL D 88 -22.34 -26.58 4.63
CA VAL D 88 -22.32 -26.58 4.65
C VAL D 88 -21.40 -25.98 3.58
N LEU D 89 -20.99 -24.72 3.69
CA LEU D 89 -20.14 -24.16 2.61
C LEU D 89 -18.86 -24.98 2.44
N PRO D 90 -18.18 -25.48 3.49
CA PRO D 90 -16.98 -26.30 3.24
C PRO D 90 -17.29 -27.51 2.36
N ALA D 91 -18.40 -28.18 2.60
CA ALA D 91 -18.79 -29.35 1.80
C ALA D 91 -19.09 -28.92 0.36
N SER D 92 -19.75 -27.79 0.16
CA SER D 92 -20.04 -27.28 -1.20
C SER D 92 -18.74 -27.01 -1.95
N CYS D 93 -17.79 -26.39 -1.28
CA CYS D 93 -16.51 -26.03 -1.93
C CYS D 93 -15.71 -27.31 -2.24
N GLU D 94 -15.69 -28.26 -1.32
CA GLU D 94 -15.03 -29.55 -1.58
C GLU D 94 -15.68 -30.19 -2.80
N GLU D 95 -16.99 -30.11 -2.91
CA GLU D 95 -17.72 -30.75 -4.02
C GLU D 95 -17.40 -30.07 -5.36
N ILE D 96 -17.20 -28.76 -5.39
CA ILE D 96 -16.81 -28.07 -6.64
C ILE D 96 -15.48 -28.62 -7.11
N ILE D 97 -14.50 -28.71 -6.22
CA ILE D 97 -13.17 -29.26 -6.61
C ILE D 97 -13.34 -30.72 -6.99
N ASN D 98 -14.12 -31.47 -6.23
CA ASN D 98 -14.34 -32.89 -6.55
C ASN D 98 -14.97 -33.02 -7.95
N SER D 99 -15.82 -32.11 -8.35
CA SER D 99 -16.49 -32.17 -9.67
CA SER D 99 -16.51 -32.14 -9.67
C SER D 99 -15.46 -32.05 -10.79
N CYS D 100 -14.41 -31.27 -10.57
CA CYS D 100 -13.32 -31.16 -11.57
C CYS D 100 -12.57 -32.48 -11.68
N PHE D 101 -12.22 -33.08 -10.56
CA PHE D 101 -11.57 -34.41 -10.57
C PHE D 101 -12.49 -35.46 -11.18
N ARG D 102 -13.78 -35.42 -10.87
CA ARG D 102 -14.73 -36.44 -11.40
C ARG D 102 -14.79 -36.34 -12.93
N ALA D 103 -14.85 -35.14 -13.48
CA ALA D 103 -15.00 -34.94 -14.93
C ALA D 103 -13.66 -35.19 -15.63
N PHE D 104 -12.56 -34.69 -15.08
CA PHE D 104 -11.31 -34.51 -15.86
C PHE D 104 -10.09 -35.21 -15.24
N GLY D 105 -10.21 -35.69 -14.00
CA GLY D 105 -9.14 -36.47 -13.34
C GLY D 105 -8.02 -35.62 -12.77
N ARG D 106 -8.17 -34.31 -12.79
CA ARG D 106 -7.12 -33.38 -12.32
C ARG D 106 -7.79 -32.03 -12.12
N CYS D 107 -7.09 -31.14 -11.44
CA CYS D 107 -7.55 -29.75 -11.24
C CYS D 107 -6.32 -28.88 -11.11
N ASP D 108 -5.99 -28.16 -12.17
CA ASP D 108 -4.71 -27.40 -12.26
C ASP D 108 -4.89 -25.94 -11.87
N VAL D 109 -6.05 -25.37 -12.13
CA VAL D 109 -6.32 -23.93 -11.97
C VAL D 109 -7.65 -23.75 -11.27
N LEU D 110 -7.67 -22.83 -10.31
CA LEU D 110 -8.90 -22.35 -9.66
C LEU D 110 -8.97 -20.85 -9.86
N VAL D 111 -10.10 -20.39 -10.37
CA VAL D 111 -10.38 -18.94 -10.52
C VAL D 111 -11.56 -18.59 -9.63
N ASN D 112 -11.29 -17.80 -8.59
CA ASN D 112 -12.32 -17.33 -7.66
C ASN D 112 -12.90 -16.01 -8.17
N ASN D 113 -13.98 -16.14 -8.93
CA ASN D 113 -14.62 -15.00 -9.63
C ASN D 113 -16.00 -14.68 -9.04
N ALA D 114 -16.76 -15.68 -8.59
CA ALA D 114 -18.14 -15.45 -8.12
C ALA D 114 -18.15 -14.41 -7.01
N SER D 115 -19.15 -13.55 -6.99
CA SER D 115 -19.13 -12.42 -6.04
C SER D 115 -20.50 -11.79 -5.93
N ALA D 116 -20.98 -11.66 -4.71
CA ALA D 116 -22.13 -10.80 -4.39
C ALA D 116 -21.64 -9.37 -4.21
N PHE D 117 -22.46 -8.41 -4.61
CA PHE D 117 -22.09 -7.00 -4.63
C PHE D 117 -23.36 -6.17 -4.51
N TYR D 118 -23.51 -5.50 -3.38
CA TYR D 118 -24.66 -4.60 -3.13
C TYR D 118 -24.33 -3.80 -1.89
N PRO D 119 -24.98 -2.65 -1.70
CA PRO D 119 -24.68 -1.80 -0.56
C PRO D 119 -25.24 -2.36 0.75
N THR D 120 -24.55 -2.02 1.83
CA THR D 120 -24.92 -2.36 3.21
C THR D 120 -24.66 -1.14 4.06
N PRO D 121 -25.54 -0.13 4.04
CA PRO D 121 -25.27 1.10 4.77
C PRO D 121 -25.11 0.85 6.27
N LEU D 122 -24.22 1.63 6.87
CA LEU D 122 -23.98 1.55 8.32
C LEU D 122 -25.11 2.21 9.12
N VAL D 123 -25.78 3.21 8.55
CA VAL D 123 -26.87 3.96 9.25
C VAL D 123 -28.16 3.84 8.45
N LYS D 134 -33.25 -8.58 3.33
CA LYS D 134 -32.28 -9.53 3.92
C LYS D 134 -31.86 -9.05 5.30
N THR D 135 -31.69 -9.98 6.23
CA THR D 135 -31.10 -9.64 7.55
C THR D 135 -29.65 -9.25 7.34
N VAL D 136 -29.10 -8.53 8.31
CA VAL D 136 -27.67 -8.15 8.22
CA VAL D 136 -27.66 -8.15 8.26
C VAL D 136 -26.83 -9.43 8.24
N GLU D 137 -27.22 -10.46 9.00
CA GLU D 137 -26.39 -11.70 9.01
C GLU D 137 -26.45 -12.40 7.65
N THR D 138 -27.56 -12.34 6.94
CA THR D 138 -27.60 -12.86 5.55
C THR D 138 -26.66 -12.05 4.65
N GLN D 139 -26.64 -10.74 4.82
CA GLN D 139 -25.74 -9.88 4.02
C GLN D 139 -24.28 -10.24 4.32
N VAL D 140 -23.95 -10.45 5.59
CA VAL D 140 -22.59 -10.90 5.95
C VAL D 140 -22.31 -12.22 5.24
N ALA D 141 -23.23 -13.17 5.35
CA ALA D 141 -22.99 -14.51 4.81
C ALA D 141 -22.78 -14.42 3.29
N GLU D 142 -23.56 -13.62 2.61
CA GLU D 142 -23.47 -13.54 1.14
C GLU D 142 -22.21 -12.78 0.73
N LEU D 143 -22.00 -11.59 1.28
CA LEU D 143 -20.91 -10.72 0.81
C LEU D 143 -19.56 -11.25 1.28
N ILE D 144 -19.45 -11.64 2.55
CA ILE D 144 -18.16 -12.17 3.04
C ILE D 144 -18.00 -13.61 2.56
N GLY D 145 -19.08 -14.38 2.47
CA GLY D 145 -18.98 -15.76 1.95
C GLY D 145 -18.48 -15.81 0.51
N THR D 146 -19.15 -15.12 -0.39
CA THR D 146 -18.76 -15.24 -1.80
C THR D 146 -17.38 -14.65 -2.05
N ASN D 147 -17.08 -13.50 -1.45
CA ASN D 147 -15.87 -12.75 -1.79
C ASN D 147 -14.66 -13.26 -1.04
N ALA D 148 -14.85 -13.97 0.06
CA ALA D 148 -13.68 -14.32 0.91
C ALA D 148 -13.73 -15.74 1.42
N ILE D 149 -14.81 -16.15 2.09
CA ILE D 149 -14.79 -17.48 2.77
CA ILE D 149 -14.80 -17.48 2.77
C ILE D 149 -14.83 -18.60 1.72
N ALA D 150 -15.67 -18.48 0.71
CA ALA D 150 -15.70 -19.51 -0.34
C ALA D 150 -14.35 -19.59 -1.04
N PRO D 151 -13.71 -18.47 -1.43
CA PRO D 151 -12.36 -18.57 -1.96
C PRO D 151 -11.38 -19.31 -1.03
N PHE D 152 -11.47 -19.04 0.26
CA PHE D 152 -10.61 -19.72 1.25
C PHE D 152 -10.87 -21.22 1.25
N LEU D 153 -12.13 -21.62 1.32
CA LEU D 153 -12.46 -23.05 1.39
C LEU D 153 -12.15 -23.76 0.07
N LEU D 154 -12.40 -23.11 -1.05
CA LEU D 154 -12.01 -23.65 -2.36
C LEU D 154 -10.49 -23.81 -2.44
N THR D 155 -9.75 -22.85 -1.91
CA THR D 155 -8.29 -22.91 -1.87
C THR D 155 -7.85 -24.12 -1.04
N MET D 156 -8.44 -24.28 0.13
CA MET D 156 -8.15 -25.45 0.99
CA MET D 156 -8.14 -25.45 0.99
C MET D 156 -8.39 -26.74 0.21
N SER D 157 -9.57 -26.86 -0.39
CA SER D 157 -9.95 -28.11 -1.08
C SER D 157 -9.04 -28.35 -2.30
N PHE D 158 -8.73 -27.29 -3.04
CA PHE D 158 -7.83 -27.38 -4.20
C PHE D 158 -6.47 -27.92 -3.76
N ALA D 159 -5.91 -27.34 -2.70
CA ALA D 159 -4.57 -27.73 -2.23
C ALA D 159 -4.60 -29.16 -1.70
N GLN D 160 -5.62 -29.49 -0.92
CA GLN D 160 -5.70 -30.81 -0.26
C GLN D 160 -5.81 -31.91 -1.33
N ARG D 161 -6.52 -31.65 -2.43
CA ARG D 161 -6.81 -32.70 -3.45
C ARG D 161 -5.60 -32.94 -4.34
N GLN D 162 -4.56 -32.09 -4.30
CA GLN D 162 -3.35 -32.31 -5.14
C GLN D 162 -2.51 -33.47 -4.62
N ASN D 173 1.86 -26.95 -13.47
CA ASN D 173 1.74 -25.47 -13.34
C ASN D 173 0.42 -25.18 -12.64
N LEU D 174 0.39 -25.41 -11.33
CA LEU D 174 -0.83 -25.24 -10.53
C LEU D 174 -0.93 -23.78 -10.08
N SER D 175 -2.10 -23.20 -10.21
CA SER D 175 -2.27 -21.83 -9.69
C SER D 175 -3.73 -21.50 -9.42
N ILE D 176 -3.85 -20.49 -8.59
CA ILE D 176 -5.13 -19.91 -8.19
C ILE D 176 -5.10 -18.45 -8.58
N VAL D 177 -6.20 -17.95 -9.13
CA VAL D 177 -6.37 -16.52 -9.44
C VAL D 177 -7.64 -16.04 -8.75
N ASN D 178 -7.48 -15.02 -7.93
CA ASN D 178 -8.62 -14.39 -7.21
C ASN D 178 -8.99 -13.10 -7.90
N LEU D 179 -10.28 -12.89 -8.15
CA LEU D 179 -10.78 -11.63 -8.73
C LEU D 179 -11.01 -10.66 -7.59
N CYS D 180 -10.14 -9.67 -7.54
CA CYS D 180 -10.04 -8.65 -6.50
C CYS D 180 -10.76 -7.40 -6.98
N ASP D 181 -10.35 -6.24 -6.50
CA ASP D 181 -11.00 -4.97 -6.82
C ASP D 181 -9.94 -3.87 -6.73
N ALA D 182 -9.67 -3.18 -7.84
CA ALA D 182 -8.62 -2.15 -7.86
C ALA D 182 -8.97 -1.00 -6.94
N MET D 183 -10.25 -0.82 -6.60
CA MET D 183 -10.70 0.29 -5.74
C MET D 183 -10.79 -0.12 -4.28
N VAL D 184 -10.12 -1.20 -3.88
CA VAL D 184 -10.29 -1.73 -2.51
C VAL D 184 -9.88 -0.70 -1.46
N ASP D 185 -8.97 0.22 -1.76
CA ASP D 185 -8.55 1.27 -0.79
C ASP D 185 -9.18 2.65 -1.07
N GLN D 186 -10.13 2.73 -2.01
CA GLN D 186 -10.95 3.94 -2.26
C GLN D 186 -12.37 3.46 -2.44
N PRO D 187 -13.00 3.00 -1.36
CA PRO D 187 -14.20 2.18 -1.51
C PRO D 187 -15.46 2.98 -1.93
N CYS D 188 -16.41 2.26 -2.51
CA CYS D 188 -17.75 2.80 -2.86
C CYS D 188 -18.47 3.14 -1.54
N MET D 189 -19.14 4.29 -1.50
N MET D 189 -19.12 4.30 -1.49
CA MET D 189 -19.93 4.74 -0.34
CA MET D 189 -19.89 4.76 -0.31
C MET D 189 -20.98 3.68 0.01
C MET D 189 -20.98 3.72 0.02
N ALA D 190 -21.04 3.25 1.26
CA ALA D 190 -22.11 2.36 1.78
C ALA D 190 -21.91 0.90 1.33
N PHE D 191 -20.70 0.52 0.92
CA PHE D 191 -20.37 -0.85 0.52
C PHE D 191 -19.42 -1.50 1.51
N SER D 192 -19.62 -1.28 2.82
CA SER D 192 -18.66 -1.76 3.84
CA SER D 192 -18.60 -1.75 3.78
C SER D 192 -18.43 -3.27 3.75
N LEU D 193 -19.50 -4.06 3.74
CA LEU D 193 -19.31 -5.53 3.81
C LEU D 193 -18.66 -6.04 2.54
N TYR D 194 -19.07 -5.55 1.39
CA TYR D 194 -18.40 -5.92 0.12
C TYR D 194 -16.92 -5.58 0.22
N ASN D 195 -16.59 -4.37 0.64
CA ASN D 195 -15.19 -3.93 0.71
C ASN D 195 -14.41 -4.77 1.71
N MET D 196 -15.01 -5.10 2.85
CA MET D 196 -14.37 -6.00 3.83
C MET D 196 -14.08 -7.34 3.17
N GLY D 197 -15.03 -7.87 2.40
CA GLY D 197 -14.80 -9.15 1.73
C GLY D 197 -13.66 -9.08 0.73
N LYS D 198 -13.61 -8.02 -0.06
CA LYS D 198 -12.52 -7.90 -1.05
C LYS D 198 -11.17 -7.66 -0.35
N HIS D 199 -11.14 -6.94 0.75
CA HIS D 199 -9.89 -6.80 1.54
CA HIS D 199 -9.89 -6.80 1.54
C HIS D 199 -9.46 -8.18 2.08
N ALA D 200 -10.41 -8.94 2.61
CA ALA D 200 -10.10 -10.28 3.10
C ALA D 200 -9.52 -11.12 1.96
N LEU D 201 -10.03 -10.96 0.75
CA LEU D 201 -9.53 -11.72 -0.41
C LEU D 201 -8.08 -11.34 -0.74
N VAL D 202 -7.70 -10.07 -0.57
CA VAL D 202 -6.27 -9.69 -0.71
C VAL D 202 -5.44 -10.48 0.32
N GLY D 203 -5.90 -10.48 1.57
CA GLY D 203 -5.20 -11.24 2.61
C GLY D 203 -5.08 -12.71 2.29
N LEU D 204 -6.15 -13.32 1.82
CA LEU D 204 -6.09 -14.74 1.41
C LEU D 204 -5.06 -14.91 0.30
N THR D 205 -5.09 -14.05 -0.70
CA THR D 205 -4.17 -14.18 -1.84
C THR D 205 -2.73 -14.24 -1.33
N GLN D 206 -2.39 -13.32 -0.44
CA GLN D 206 -1.02 -13.23 0.09
C GLN D 206 -0.71 -14.40 1.01
N SER D 207 -1.61 -14.70 1.95
CA SER D 207 -1.40 -15.79 2.91
C SER D 207 -1.25 -17.13 2.17
N ALA D 208 -2.15 -17.39 1.23
CA ALA D 208 -2.12 -18.65 0.49
C ALA D 208 -0.91 -18.71 -0.43
N ALA D 209 -0.49 -17.60 -1.02
CA ALA D 209 0.75 -17.61 -1.83
C ALA D 209 1.91 -18.12 -0.97
N LEU D 210 2.03 -17.59 0.22
CA LEU D 210 3.13 -17.96 1.14
CA LEU D 210 3.15 -17.98 1.11
C LEU D 210 3.03 -19.45 1.51
N GLU D 211 1.85 -19.87 1.93
CA GLU D 211 1.69 -21.21 2.51
C GLU D 211 1.72 -22.29 1.44
N LEU D 212 1.26 -21.99 0.23
CA LEU D 212 1.15 -23.02 -0.82
C LEU D 212 2.36 -23.03 -1.74
N ALA D 213 3.25 -22.05 -1.62
CA ALA D 213 4.49 -22.05 -2.44
C ALA D 213 5.23 -23.38 -2.35
N PRO D 214 5.42 -24.01 -1.16
CA PRO D 214 6.16 -25.26 -1.09
C PRO D 214 5.53 -26.39 -1.89
N TYR D 215 4.23 -26.30 -2.20
CA TYR D 215 3.47 -27.31 -2.95
C TYR D 215 3.45 -26.97 -4.44
N GLY D 216 4.13 -25.89 -4.83
CA GLY D 216 4.19 -25.47 -6.25
C GLY D 216 2.90 -24.84 -6.71
N ILE D 217 2.09 -24.34 -5.79
CA ILE D 217 0.83 -23.67 -6.17
C ILE D 217 1.06 -22.17 -6.04
N ARG D 218 0.94 -21.46 -7.15
CA ARG D 218 1.02 -19.98 -7.14
C ARG D 218 -0.37 -19.43 -6.87
N VAL D 219 -0.43 -18.28 -6.22
CA VAL D 219 -1.73 -17.65 -5.87
C VAL D 219 -1.60 -16.17 -6.16
N ASN D 220 -2.41 -15.68 -7.08
CA ASN D 220 -2.34 -14.29 -7.54
C ASN D 220 -3.73 -13.71 -7.66
N GLY D 221 -3.79 -12.42 -7.96
CA GLY D 221 -5.06 -11.74 -8.16
C GLY D 221 -5.08 -10.92 -9.40
N VAL D 222 -6.29 -10.68 -9.88
CA VAL D 222 -6.59 -9.70 -10.94
C VAL D 222 -7.60 -8.74 -10.37
N ALA D 223 -7.32 -7.45 -10.43
CA ALA D 223 -8.14 -6.41 -9.79
C ALA D 223 -8.72 -5.48 -10.84
N PRO D 224 -9.96 -5.75 -11.31
CA PRO D 224 -10.62 -4.81 -12.21
C PRO D 224 -10.93 -3.51 -11.49
N GLY D 225 -11.02 -2.43 -12.27
CA GLY D 225 -11.55 -1.14 -11.79
C GLY D 225 -13.01 -1.04 -12.13
N VAL D 226 -13.30 -0.43 -13.26
CA VAL D 226 -14.66 -0.50 -13.84
CA VAL D 226 -14.64 -0.44 -13.90
C VAL D 226 -14.54 -1.44 -15.04
N SER D 227 -15.26 -2.53 -14.95
CA SER D 227 -15.44 -3.47 -16.07
C SER D 227 -16.94 -3.50 -16.34
N LEU D 228 -17.49 -4.67 -16.64
CA LEU D 228 -18.87 -4.72 -17.14
C LEU D 228 -19.81 -4.11 -16.11
N LEU D 229 -20.64 -3.20 -16.59
CA LEU D 229 -21.62 -2.53 -15.72
C LEU D 229 -22.86 -3.41 -15.65
N PRO D 230 -23.74 -3.22 -14.66
CA PRO D 230 -24.92 -4.07 -14.52
C PRO D 230 -25.87 -3.88 -15.69
N VAL D 231 -26.50 -4.95 -16.14
CA VAL D 231 -27.52 -4.88 -17.23
C VAL D 231 -28.58 -3.83 -16.84
N ALA D 232 -28.98 -3.80 -15.56
CA ALA D 232 -30.09 -2.97 -15.06
C ALA D 232 -29.69 -1.49 -14.92
N MET D 233 -28.40 -1.16 -14.97
CA MET D 233 -27.95 0.21 -14.69
C MET D 233 -28.32 1.11 -15.87
N GLY D 234 -28.88 2.28 -15.58
CA GLY D 234 -29.26 3.25 -16.61
C GLY D 234 -28.05 3.78 -17.37
N GLU D 235 -28.26 4.17 -18.61
CA GLU D 235 -27.15 4.55 -19.52
C GLU D 235 -26.39 5.75 -18.93
N GLU D 236 -27.11 6.73 -18.39
CA GLU D 236 -26.48 7.96 -17.85
C GLU D 236 -25.53 7.57 -16.71
N GLU D 237 -25.95 6.65 -15.86
CA GLU D 237 -25.14 6.19 -14.72
C GLU D 237 -23.94 5.40 -15.25
N LYS D 238 -24.15 4.55 -16.25
CA LYS D 238 -23.02 3.80 -16.86
C LYS D 238 -21.98 4.82 -17.36
N ASP D 239 -22.43 5.87 -18.02
CA ASP D 239 -21.52 6.88 -18.63
C ASP D 239 -20.75 7.62 -17.53
N LYS D 240 -21.37 7.88 -16.39
CA LYS D 240 -20.67 8.51 -15.23
C LYS D 240 -19.48 7.62 -14.82
N TRP D 241 -19.67 6.32 -14.79
CA TRP D 241 -18.58 5.36 -14.42
C TRP D 241 -17.51 5.37 -15.51
N ARG D 242 -17.91 5.31 -16.77
CA ARG D 242 -16.93 5.27 -17.90
C ARG D 242 -16.05 6.51 -17.90
N ARG D 243 -16.64 7.67 -17.64
CA ARG D 243 -15.90 8.96 -17.70
C ARG D 243 -14.82 9.03 -16.60
N LYS D 244 -14.87 8.18 -15.57
CA LYS D 244 -13.85 8.17 -14.49
C LYS D 244 -12.50 7.65 -15.00
N VAL D 245 -12.48 6.88 -16.08
CA VAL D 245 -11.30 6.04 -16.44
C VAL D 245 -10.31 6.82 -17.30
N PRO D 246 -9.07 7.08 -16.83
CA PRO D 246 -8.11 7.82 -17.64
C PRO D 246 -7.82 7.22 -19.02
N LEU D 247 -7.63 5.90 -19.08
CA LEU D 247 -7.24 5.25 -20.33
C LEU D 247 -8.50 4.91 -21.15
N GLY D 248 -8.91 5.85 -21.98
CA GLY D 248 -9.99 5.63 -22.96
C GLY D 248 -11.38 5.99 -22.46
N ARG D 249 -11.58 6.36 -21.19
CA ARG D 249 -12.91 6.79 -20.70
C ARG D 249 -13.93 5.70 -21.03
N ARG D 250 -13.57 4.46 -20.78
CA ARG D 250 -14.45 3.30 -21.02
C ARG D 250 -14.11 2.22 -20.00
N GLU D 251 -15.06 1.33 -19.77
CA GLU D 251 -14.87 0.17 -18.89
C GLU D 251 -14.03 -0.89 -19.59
N ALA D 252 -13.38 -1.73 -18.80
CA ALA D 252 -12.69 -2.92 -19.33
C ALA D 252 -13.72 -3.90 -19.89
N SER D 253 -13.41 -4.48 -21.03
CA SER D 253 -14.17 -5.65 -21.48
C SER D 253 -13.90 -6.84 -20.58
N ALA D 254 -14.81 -7.80 -20.58
CA ALA D 254 -14.58 -9.06 -19.85
C ALA D 254 -13.32 -9.74 -20.41
N GLU D 255 -13.10 -9.64 -21.72
CA GLU D 255 -11.94 -10.29 -22.35
C GLU D 255 -10.63 -9.67 -21.86
N GLN D 256 -10.60 -8.37 -21.63
CA GLN D 256 -9.39 -7.69 -21.11
C GLN D 256 -9.07 -8.21 -19.69
N ILE D 257 -10.10 -8.38 -18.88
CA ILE D 257 -9.88 -8.96 -17.53
C ILE D 257 -9.35 -10.39 -17.70
N ALA D 258 -9.99 -11.16 -18.57
CA ALA D 258 -9.58 -12.57 -18.77
C ALA D 258 -8.13 -12.65 -19.25
N ASP D 259 -7.69 -11.71 -20.07
CA ASP D 259 -6.30 -11.74 -20.56
C ASP D 259 -5.30 -11.75 -19.40
N ALA D 260 -5.58 -11.00 -18.33
CA ALA D 260 -4.66 -10.95 -17.17
C ALA D 260 -4.69 -12.29 -16.43
N VAL D 261 -5.86 -12.92 -16.34
CA VAL D 261 -5.97 -14.27 -15.73
C VAL D 261 -5.12 -15.25 -16.53
N ILE D 262 -5.25 -15.22 -17.86
CA ILE D 262 -4.50 -16.14 -18.74
C ILE D 262 -2.99 -15.95 -18.52
N PHE D 263 -2.53 -14.71 -18.43
CA PHE D 263 -1.10 -14.47 -18.16
C PHE D 263 -0.70 -15.15 -16.84
N LEU D 264 -1.47 -14.91 -15.78
CA LEU D 264 -1.06 -15.41 -14.45
C LEU D 264 -1.07 -16.93 -14.36
N VAL D 265 -1.91 -17.62 -15.12
CA VAL D 265 -1.89 -19.10 -15.07
C VAL D 265 -0.85 -19.68 -16.01
N SER D 266 -0.29 -18.86 -16.89
CA SER D 266 0.65 -19.33 -17.93
C SER D 266 2.05 -19.62 -17.39
N GLY D 267 2.83 -20.26 -18.25
CA GLY D 267 4.26 -20.48 -17.99
C GLY D 267 5.05 -19.18 -17.94
N SER D 268 4.53 -18.11 -18.49
CA SER D 268 5.19 -16.79 -18.49
C SER D 268 5.09 -16.11 -17.12
N ALA D 269 4.41 -16.72 -16.15
CA ALA D 269 4.22 -16.18 -14.80
C ALA D 269 4.73 -17.14 -13.74
N GLN D 270 5.62 -18.05 -14.08
CA GLN D 270 6.01 -19.13 -13.14
C GLN D 270 6.79 -18.64 -11.92
N TYR D 271 7.29 -17.41 -11.89
CA TYR D 271 7.96 -16.86 -10.70
C TYR D 271 7.07 -15.85 -9.98
N ILE D 272 5.83 -15.70 -10.43
CA ILE D 272 4.89 -14.71 -9.86
C ILE D 272 3.97 -15.42 -8.87
N THR D 273 4.01 -15.02 -7.62
CA THR D 273 3.02 -15.47 -6.62
C THR D 273 2.83 -14.34 -5.63
N GLY D 274 1.60 -14.22 -5.17
CA GLY D 274 1.20 -13.17 -4.22
C GLY D 274 1.01 -11.82 -4.86
N SER D 275 0.98 -11.74 -6.17
CA SER D 275 0.87 -10.46 -6.91
C SER D 275 -0.58 -10.25 -7.32
N ILE D 276 -1.02 -9.01 -7.23
CA ILE D 276 -2.37 -8.60 -7.68
C ILE D 276 -2.18 -7.58 -8.78
N ILE D 277 -2.59 -7.94 -9.99
CA ILE D 277 -2.45 -7.09 -11.19
C ILE D 277 -3.72 -6.26 -11.32
N LYS D 278 -3.58 -4.95 -11.22
CA LYS D 278 -4.71 -4.07 -11.53
C LYS D 278 -4.92 -4.05 -13.03
N VAL D 279 -6.18 -4.14 -13.43
CA VAL D 279 -6.59 -4.00 -14.85
C VAL D 279 -7.67 -2.92 -14.83
N ASP D 280 -7.24 -1.67 -14.69
CA ASP D 280 -8.16 -0.60 -14.28
C ASP D 280 -8.03 0.67 -15.11
N GLY D 281 -7.21 0.70 -16.14
CA GLY D 281 -7.14 1.90 -16.98
C GLY D 281 -6.68 3.12 -16.23
N GLY D 282 -6.00 2.95 -15.10
CA GLY D 282 -5.54 4.07 -14.28
C GLY D 282 -6.55 4.57 -13.26
N LEU D 283 -7.73 3.95 -13.16
CA LEU D 283 -8.79 4.48 -12.27
C LEU D 283 -8.31 4.72 -10.84
N SER D 284 -7.57 3.76 -10.29
CA SER D 284 -7.15 3.79 -8.87
C SER D 284 -6.17 4.93 -8.60
N LEU D 285 -5.61 5.53 -9.64
CA LEU D 285 -4.62 6.63 -9.45
C LEU D 285 -5.30 7.99 -9.47
N VAL D 286 -6.62 8.05 -9.70
CA VAL D 286 -7.30 9.35 -9.86
C VAL D 286 -7.73 9.88 -8.49
N HIS D 287 -7.31 11.08 -8.12
CA HIS D 287 -7.73 11.68 -6.83
C HIS D 287 -9.17 12.20 -6.90
N ALA D 288 -9.75 12.46 -5.73
CA ALA D 288 -11.10 13.03 -5.55
C ALA D 288 -11.23 14.32 -6.35
PA NAP E . 4.91 25.84 1.35
O1A NAP E . 4.34 27.08 1.98
O2A NAP E . 4.62 25.55 -0.05
O5B NAP E . 6.49 25.80 1.49
C5B NAP E . 7.07 25.85 2.79
C4B NAP E . 8.40 26.57 2.71
O4B NAP E . 9.31 25.85 1.88
C3B NAP E . 8.38 27.96 2.08
O3B NAP E . 7.97 28.93 3.04
C2B NAP E . 9.82 28.14 1.59
O2B NAP E . 10.62 28.99 2.42
C1B NAP E . 10.40 26.70 1.67
N9A NAP E . 11.14 26.35 0.46
C8A NAP E . 10.66 26.29 -0.81
N7A NAP E . 11.65 26.13 -1.71
C5A NAP E . 12.78 26.15 -0.98
C6A NAP E . 14.20 26.07 -1.30
N6A NAP E . 14.63 25.97 -2.56
N1A NAP E . 15.05 26.11 -0.28
C2A NAP E . 14.65 26.20 0.99
N3A NAP E . 13.38 26.28 1.39
C4A NAP E . 12.47 26.27 0.42
O3 NAP E . 4.50 24.57 2.26
PN NAP E . 3.13 24.32 3.07
O1N NAP E . 3.16 25.08 4.33
O2N NAP E . 1.99 24.46 2.16
O5D NAP E . 3.31 22.75 3.33
C5D NAP E . 4.20 22.29 4.35
C4D NAP E . 4.60 20.87 4.04
O4D NAP E . 3.43 20.03 3.97
C3D NAP E . 5.33 20.69 2.71
O3D NAP E . 6.32 19.66 2.79
C2D NAP E . 4.22 20.23 1.80
O2D NAP E . 4.68 19.48 0.68
C1D NAP E . 3.36 19.40 2.72
N1N NAP E . 1.97 19.35 2.25
C2N NAP E . 1.21 20.49 2.24
C3N NAP E . -0.07 20.48 1.73
C7N NAP E . -0.96 21.69 1.73
O7N NAP E . -2.15 21.54 1.46
N7N NAP E . -0.46 22.90 2.01
C4N NAP E . -0.57 19.30 1.18
C5N NAP E . 0.23 18.15 1.17
C6N NAP E . 1.50 18.19 1.69
P2B NAP E . 10.68 30.59 2.22
O1X NAP E . 9.26 31.06 2.26
O2X NAP E . 11.33 30.87 0.90
O3X NAP E . 11.50 31.06 3.37
C2 KMK F . 3.80 22.43 -0.94
C7 KMK F . -0.42 24.41 -1.16
C4 KMK F . 1.99 21.06 -1.36
C6 KMK F . -1.01 23.16 -1.42
CBG KMK F . 1.39 29.60 -8.40
OBE KMK F . 1.95 28.71 -9.36
CBD KMK F . 2.42 27.60 -8.74
OBF KMK F . 3.46 27.55 -8.10
CAZ KMK F . 1.51 26.36 -8.81
CBA KMK F . 1.23 25.93 -7.40
CAV KMK F . 0.48 24.65 -7.43
CAY KMK F . 0.20 26.65 -9.48
CAX KMK F . -0.48 25.32 -9.67
NAW KMK F . -0.72 24.73 -8.30
CBB KMK F . -1.93 24.21 -7.96
OBC KMK F . -2.89 24.24 -8.72
CAU KMK F . -2.21 23.70 -6.65
CAT KMK F . -1.95 24.47 -5.52
CAO KMK F . -2.17 24.01 -4.24
CAQ KMK F . -2.79 22.45 -6.39
CAR KMK F . -3.05 22.00 -5.09
CAS KMK F . -2.77 22.78 -3.97
N10 KMK F . -2.97 22.35 -2.69
CAP KMK F . -3.81 21.19 -2.32
CBH KMK F . -2.96 20.03 -1.87
CBI KMK F . -2.00 19.59 -2.97
OBJ KMK F . -1.02 18.75 -2.42
C9 KMK F . -2.45 23.11 -1.55
N5 KMK F . -0.24 22.04 -1.51
C4A KMK F . 1.09 22.19 -1.29
N4 KMK F . 1.52 19.84 -1.61
N3 KMK F . 3.31 21.19 -1.17
N2 KMK F . 5.12 22.56 -0.74
N1 KMK F . 3.02 23.52 -0.87
C8A KMK F . 1.67 23.44 -1.04
N8 KMK F . 0.94 24.56 -0.97
PA NAP G . -5.61 -11.02 23.06
O1A NAP G . -5.06 -11.07 24.44
O2A NAP G . -5.26 -12.15 22.15
O5B NAP G . -7.21 -10.97 23.03
C5B NAP G . -7.86 -9.88 23.66
C4B NAP G . -9.22 -10.35 24.16
O4B NAP G . -10.05 -10.74 23.06
C3B NAP G . -9.23 -11.59 25.06
O3B NAP G . -8.80 -11.29 26.37
C2B NAP G . -10.65 -12.10 24.91
O2B NAP G . -11.52 -11.73 25.98
C1B NAP G . -11.17 -11.38 23.63
N9A NAP G . -11.77 -12.29 22.67
C8A NAP G . -11.17 -13.38 22.08
N7A NAP G . -12.07 -14.14 21.44
C5A NAP G . -13.28 -13.59 21.73
C6A NAP G . -14.65 -13.91 21.38
N6A NAP G . -14.97 -15.02 20.73
N1A NAP G . -15.60 -13.08 21.81
C2A NAP G . -15.28 -11.99 22.51
N3A NAP G . -14.07 -11.57 22.87
C4A NAP G . -13.09 -12.40 22.50
O3 NAP G . -5.24 -9.64 22.38
PN NAP G . -3.93 -8.71 22.64
O1N NAP G . -4.11 -7.94 23.89
O2N NAP G . -2.72 -9.53 22.43
O5D NAP G . -4.05 -7.77 21.37
C5D NAP G . -5.02 -6.69 21.36
C4D NAP G . -5.32 -6.29 19.94
O4D NAP G . -4.08 -5.92 19.26
C3D NAP G . -5.93 -7.42 19.10
O3D NAP G . -6.85 -6.91 18.14
C2D NAP G . -4.74 -7.98 18.35
O2D NAP G . -5.03 -8.62 17.13
C1D NAP G . -3.87 -6.73 18.12
N1N NAP G . -2.45 -7.08 17.97
C2N NAP G . -1.74 -7.57 19.03
C3N NAP G . -0.46 -7.99 18.87
C7N NAP G . 0.37 -8.50 19.99
O7N NAP G . 1.60 -8.63 19.84
N7N NAP G . -0.17 -8.81 21.17
C4N NAP G . 0.15 -7.90 17.59
C5N NAP G . -0.59 -7.41 16.54
C6N NAP G . -1.89 -6.99 16.73
P2B NAP G . -11.68 -12.67 27.28
O1X NAP G . -10.28 -12.81 27.86
O2X NAP G . -12.26 -13.99 26.86
O3X NAP G . -12.59 -11.89 28.19
C2 KMK H . -4.22 -11.39 19.04
C7 KMK H . -0.16 -12.38 21.14
C4 KMK H . -2.28 -11.07 17.83
C6 KMK H . 0.54 -12.01 19.97
CBG KMK H . -4.41 -21.06 20.27
OBE KMK H . -3.17 -21.67 19.96
CBD KMK H . -2.19 -20.84 20.39
OBF KMK H . -2.01 -20.56 21.58
CAZ KMK H . -1.31 -20.25 19.30
CBA KMK H . -1.29 -18.74 19.47
CAV KMK H . -0.37 -18.11 18.46
CAY KMK H . 0.07 -20.78 19.43
CAX KMK H . 0.77 -20.30 18.20
NAW KMK H . 0.94 -18.82 18.37
CBB KMK H . 2.14 -18.22 18.27
OBC KMK H . 3.16 -18.89 18.11
CAU KMK H . 2.25 -16.83 18.41
CAT KMK H . 1.78 -16.16 19.53
CAO KMK H . 1.92 -14.80 19.69
CAQ KMK H . 2.89 -16.06 17.44
CAR KMK H . 3.04 -14.67 17.60
CAS KMK H . 2.56 -14.01 18.74
N10 KMK H . 2.66 -12.65 18.87
CAP KMK H . 3.55 -11.80 18.04
CBH KMK H . 2.73 -10.89 17.14
CBI KMK H . 1.92 -11.70 16.13
OBJ KMK H . 0.91 -10.88 15.55
C9 KMK H . 2.00 -12.02 19.99
N5 KMK H . -0.12 -11.58 18.87
C4A KMK H . -1.49 -11.50 18.94
N4 KMK H . -1.71 -10.69 16.70
N3 KMK H . -3.63 -10.98 17.90
N2 KMK H . -5.55 -11.33 19.14
N1 KMK H . -3.53 -11.84 20.10
C8A KMK H . -2.18 -11.91 20.07
N8 KMK H . -1.54 -12.34 21.18
C ACT I . 8.74 -19.30 30.02
O ACT I . 8.55 -18.58 31.04
OXT ACT I . 9.81 -19.29 29.38
CH3 ACT I . 7.59 -20.15 29.49
PA NAP J . 22.46 -4.03 -13.32
O1A NAP J . 23.18 -5.17 -13.98
O2A NAP J . 22.86 -3.58 -11.96
O5B NAP J . 22.57 -2.71 -14.22
C5B NAP J . 22.08 -2.81 -15.54
C4B NAP J . 22.79 -1.77 -16.39
O4B NAP J . 22.55 -0.42 -15.92
C3B NAP J . 24.31 -1.88 -16.42
O3B NAP J . 24.76 -2.96 -17.25
C2B NAP J . 24.69 -0.49 -16.87
O2B NAP J . 25.04 -0.41 -18.26
C1B NAP J . 23.45 0.39 -16.62
N9A NAP J . 23.87 1.56 -15.83
C8A NAP J . 24.36 1.60 -14.58
N7A NAP J . 24.78 2.84 -14.25
C5A NAP J . 24.56 3.60 -15.34
C6A NAP J . 24.79 5.00 -15.70
N6A NAP J . 25.32 5.87 -14.82
N1A NAP J . 24.48 5.36 -16.95
C2A NAP J . 23.88 4.51 -17.84
N3A NAP J . 23.64 3.21 -17.60
C4A NAP J . 23.99 2.75 -16.38
O3 NAP J . 20.88 -4.32 -13.36
PN NAP J . 20.15 -5.75 -13.26
O1N NAP J . 20.17 -6.41 -14.59
O2N NAP J . 20.64 -6.46 -12.06
O5D NAP J . 18.66 -5.21 -12.93
C5D NAP J . 17.88 -4.63 -13.99
C4D NAP J . 16.75 -3.79 -13.38
O4D NAP J . 15.98 -4.59 -12.44
C3D NAP J . 17.30 -2.61 -12.60
O3D NAP J . 16.45 -1.45 -12.72
C2D NAP J . 17.28 -3.11 -11.18
O2D NAP J . 17.20 -2.07 -10.20
C1D NAP J . 16.04 -4.00 -11.15
N1N NAP J . 16.14 -4.99 -10.08
C2N NAP J . 17.03 -6.00 -10.18
C3N NAP J . 17.18 -6.93 -9.16
C7N NAP J . 18.16 -8.07 -9.21
O7N NAP J . 18.05 -9.00 -8.42
N7N NAP J . 19.14 -8.08 -10.15
C4N NAP J . 16.36 -6.80 -8.03
C5N NAP J . 15.44 -5.74 -7.94
C6N NAP J . 15.34 -4.85 -8.99
P2B NAP J . 26.55 -0.65 -18.81
O1X NAP J . 26.89 -2.06 -18.36
O2X NAP J . 27.44 0.38 -18.23
O3X NAP J . 26.42 -0.48 -20.30
C2 KMK K . 20.48 -3.07 -9.64
C7 KMK K . 21.99 -7.31 -8.35
C4 KMK K . 19.38 -4.15 -7.90
C6 KMK K . 21.01 -7.39 -7.35
NAW KMK K . 25.54 -5.03 -2.50
CBB KMK K . 25.07 -6.25 -2.20
OBC KMK K . 25.57 -6.94 -1.30
CAU KMK K . 24.01 -6.78 -2.93
CAT KMK K . 24.19 -7.18 -4.25
CAO KMK K . 23.13 -7.70 -4.99
CAQ KMK K . 22.76 -6.92 -2.34
CAR KMK K . 21.69 -7.44 -3.08
CAS KMK K . 21.85 -7.84 -4.41
N10 KMK K . 20.83 -8.36 -5.14
CAP KMK K . 19.59 -8.92 -4.53
CBH KMK K . 18.38 -8.00 -4.79
CBI KMK K . 18.60 -6.61 -4.17
OBJ KMK K . 17.65 -5.69 -4.71
C9 KMK K . 20.89 -8.58 -6.57
N5 KMK K . 20.14 -6.36 -7.22
C4A KMK K . 20.23 -5.26 -8.02
N4 KMK K . 18.40 -4.16 -7.00
N3 KMK K . 19.50 -3.09 -8.74
N2 KMK K . 20.63 -2.03 -10.45
N1 KMK K . 21.35 -4.10 -9.77
C8A KMK K . 21.23 -5.19 -9.00
N8 KMK K . 22.10 -6.19 -9.16
PA NAP L . -21.11 -10.49 -11.16
O1A NAP L . -21.74 -10.57 -12.49
O2A NAP L . -21.61 -9.47 -10.19
O5B NAP L . -21.15 -11.88 -10.38
C5B NAP L . -20.56 -13.02 -10.96
C4B NAP L . -21.34 -14.25 -10.57
O4B NAP L . -21.24 -14.46 -9.16
C3B NAP L . -22.84 -14.22 -10.85
O3B NAP L . -23.16 -14.51 -12.20
C2B NAP L . -23.38 -15.24 -9.84
O2B NAP L . -23.68 -16.52 -10.41
C1B NAP L . -22.18 -15.42 -8.85
N9A NAP L . -22.60 -15.33 -7.47
C8A NAP L . -23.21 -14.25 -6.85
N7A NAP L . -23.66 -14.59 -5.64
C5A NAP L . -23.40 -15.91 -5.50
C6A NAP L . -23.65 -16.89 -4.48
N6A NAP L . -24.31 -16.60 -3.36
N1A NAP L . -23.20 -18.13 -4.69
C2A NAP L . -22.54 -18.45 -5.79
N3A NAP L . -22.25 -17.64 -6.82
C4A NAP L . -22.70 -16.39 -6.67
O3 NAP L . -19.52 -10.30 -11.35
PN NAP L . -18.73 -9.54 -12.53
O1N NAP L . -18.68 -10.39 -13.76
O2N NAP L . -19.24 -8.15 -12.62
O5D NAP L . -17.30 -9.46 -11.83
C5D NAP L . -16.45 -10.61 -11.79
C4D NAP L . -15.46 -10.47 -10.66
O4D NAP L . -14.68 -9.23 -10.85
C3D NAP L . -16.11 -10.34 -9.26
O3D NAP L . -15.28 -10.96 -8.28
C2D NAP L . -16.11 -8.85 -9.04
O2D NAP L . -16.12 -8.48 -7.68
C1D NAP L . -14.83 -8.40 -9.73
N1N NAP L . -14.92 -6.98 -10.13
C2N NAP L . -15.79 -6.61 -11.11
C3N NAP L . -15.97 -5.28 -11.44
C7N NAP L . -16.88 -4.83 -12.53
O7N NAP L . -16.80 -3.67 -12.92
N7N NAP L . -17.77 -5.67 -13.07
C4N NAP L . -15.21 -4.30 -10.78
C5N NAP L . -14.35 -4.72 -9.74
C6N NAP L . -14.21 -6.05 -9.45
P2B NAP L . -25.13 -16.86 -11.02
O1X NAP L . -25.38 -15.81 -12.06
O2X NAP L . -26.13 -16.82 -9.90
O3X NAP L . -24.97 -18.25 -11.58
C2 KMK M . -19.38 -7.62 -8.52
C7 KMK M . -20.81 -4.50 -11.68
C4 KMK M . -18.33 -5.57 -8.56
C6 KMK M . -19.87 -3.59 -11.21
CBG KMK M . -30.03 -4.19 -7.51
OBE KMK M . -28.87 -3.36 -7.59
CBD KMK M . -28.09 -3.54 -6.48
OBF KMK M . -28.30 -4.38 -5.62
CAZ KMK M . -26.91 -2.59 -6.37
CBA KMK M . -25.73 -3.13 -7.16
CAV KMK M . -24.56 -2.18 -7.05
CAY KMK M . -27.29 -1.27 -6.93
CAX KMK M . -26.21 -0.33 -6.50
NAW KMK M . -24.96 -0.75 -7.21
CBB KMK M . -24.25 0.18 -7.91
OBC KMK M . -24.63 1.35 -8.01
CAU KMK M . -23.10 -0.14 -8.67
CAT KMK M . -23.15 -1.11 -9.66
CAO KMK M . -22.03 -1.41 -10.44
CAQ KMK M . -21.88 0.53 -8.51
CAR KMK M . -20.75 0.22 -9.28
CAS KMK M . -20.80 -0.76 -10.28
N10 KMK M . -19.72 -1.13 -11.05
CAP KMK M . -18.50 -0.29 -11.18
CBH KMK M . -17.35 -0.95 -10.42
CBI KMK M . -17.62 -1.09 -8.92
OBJ KMK M . -16.70 -2.01 -8.35
C9 KMK M . -19.73 -2.32 -11.90
N5 KMK M . -19.04 -3.91 -10.21
C4A KMK M . -19.14 -5.15 -9.65
N4 KMK M . -17.38 -4.79 -8.07
N3 KMK M . -18.42 -6.81 -8.03
N2 KMK M . -19.52 -8.86 -8.00
N1 KMK M . -20.20 -7.26 -9.52
C8A KMK M . -20.11 -6.05 -10.09
N8 KMK M . -20.94 -5.75 -11.11
#